data_7XF2
#
_entry.id   7XF2
#
_cell.length_a   1.00
_cell.length_b   1.00
_cell.length_c   1.00
_cell.angle_alpha   90.00
_cell.angle_beta   90.00
_cell.angle_gamma   90.00
#
_symmetry.space_group_name_H-M   'P 1'
#
_entity_poly.entity_id   1
_entity_poly.type   'polypeptide(L)'
_entity_poly.pdbx_seq_one_letter_code
;MSASLILDEYLKKTASAVLDVADSFEKIKGEIQSPEEAAALSVALYGAPPKPSASAVASIITGERTSLNDKYLSDNVLLK
MSVARVGQENNRKRADQAADEIRTIMEDITGSLSGAYRQYSPLEEENKVHIGIMNNKTPSIVCGYYTMDTSISSEPLSLT
DFQNPTVIANVTKRMESIFSKVDSARSTRFDAFVNGVANNMDIKSSIDWANMVENVIKLPDSTPNPCSVDTIVSRDASVV
KTAVNDIYASVGKSYCRPATQLTFMSEIEKLRKAAVVCFEALMSDTRERAFVEFLFYVSFKEDASNTNSKLFVQNKLSSM
SGNPRQPIKLVRRSAEETLFGLCFMFKVMPPEFMNCIFNFPTIPHSTQYHGLYGTCLTPLLRKYGSSFEKSWAHFEEILS
ERANAVKKFGVNDTRIDCLDAVANLTGPVYVLILDLVRTLSAQRSCSTKFLREIKENYLLWNRFVS
;
_entity_poly.pdbx_strand_id   A,B
#
# COMPACT_ATOMS: atom_id res chain seq x y z
N MET A 1 -41.86 23.89 6.20
CA MET A 1 -41.88 25.35 6.15
C MET A 1 -41.75 25.95 7.56
N SER A 2 -41.28 25.13 8.49
CA SER A 2 -41.13 25.56 9.87
C SER A 2 -39.83 26.34 10.03
N ALA A 3 -39.44 26.58 11.28
CA ALA A 3 -38.22 27.33 11.55
C ALA A 3 -37.01 26.69 10.89
N SER A 4 -36.99 25.36 10.84
CA SER A 4 -35.86 24.66 10.24
C SER A 4 -35.69 25.04 8.77
N LEU A 5 -36.78 24.99 8.00
CA LEU A 5 -36.68 25.25 6.58
C LEU A 5 -36.36 26.71 6.30
N ILE A 6 -37.05 27.63 6.98
CA ILE A 6 -36.86 29.05 6.69
C ILE A 6 -35.45 29.50 7.05
N LEU A 7 -34.90 28.96 8.14
CA LEU A 7 -33.52 29.28 8.48
C LEU A 7 -32.55 28.60 7.54
N ASP A 8 -32.92 27.43 7.02
CA ASP A 8 -32.01 26.69 6.16
C ASP A 8 -31.70 27.46 4.88
N GLU A 9 -32.73 27.99 4.22
CA GLU A 9 -32.48 28.69 2.97
C GLU A 9 -31.73 29.99 3.21
N TYR A 10 -32.02 30.68 4.32
CA TYR A 10 -31.29 31.90 4.64
C TYR A 10 -29.80 31.63 4.73
N LEU A 11 -29.41 30.66 5.56
CA LEU A 11 -28.00 30.30 5.67
C LEU A 11 -27.44 29.92 4.31
N LYS A 12 -28.23 29.23 3.49
CA LYS A 12 -27.74 28.83 2.17
C LYS A 12 -27.57 30.04 1.26
N LYS A 13 -28.56 30.93 1.22
CA LYS A 13 -28.49 32.07 0.33
C LYS A 13 -27.37 33.01 0.72
N THR A 14 -27.24 33.32 2.01
CA THR A 14 -26.15 34.17 2.44
C THR A 14 -24.80 33.50 2.23
N ALA A 15 -24.77 32.16 2.19
CA ALA A 15 -23.53 31.48 1.87
C ALA A 15 -23.15 31.70 0.42
N SER A 16 -24.12 31.57 -0.49
CA SER A 16 -23.84 31.85 -1.89
C SER A 16 -23.47 33.32 -2.07
N ALA A 17 -24.03 34.19 -1.24
CA ALA A 17 -23.71 35.62 -1.32
C ALA A 17 -22.23 35.85 -1.12
N VAL A 18 -21.67 35.34 -0.02
CA VAL A 18 -20.26 35.56 0.26
C VAL A 18 -19.40 34.93 -0.82
N LEU A 19 -19.75 33.71 -1.23
CA LEU A 19 -18.89 33.00 -2.18
C LEU A 19 -18.86 33.68 -3.54
N ASP A 20 -19.93 34.34 -3.93
CA ASP A 20 -19.91 35.00 -5.23
C ASP A 20 -19.05 36.25 -5.21
N VAL A 21 -19.01 36.95 -4.07
CA VAL A 21 -18.08 38.07 -3.92
C VAL A 21 -16.66 37.60 -4.20
N ALA A 22 -16.33 36.40 -3.75
CA ALA A 22 -15.04 35.82 -4.09
C ALA A 22 -14.93 35.58 -5.59
N ASP A 23 -15.97 35.01 -6.19
CA ASP A 23 -15.96 34.78 -7.62
C ASP A 23 -15.77 36.08 -8.39
N SER A 24 -16.40 37.16 -7.92
CA SER A 24 -16.23 38.44 -8.57
C SER A 24 -14.78 38.90 -8.56
N PHE A 25 -14.03 38.49 -7.54
CA PHE A 25 -12.60 38.80 -7.46
C PHE A 25 -11.87 37.80 -8.36
N GLU A 26 -11.75 38.16 -9.64
CA GLU A 26 -11.16 37.26 -10.62
C GLU A 26 -10.28 38.08 -11.58
N LYS A 27 -8.97 37.96 -11.41
CA LYS A 27 -8.00 38.62 -12.29
C LYS A 27 -6.78 37.72 -12.41
N ILE A 28 -6.15 37.78 -13.59
CA ILE A 28 -5.00 36.92 -13.88
C ILE A 28 -3.79 37.40 -13.09
N LYS A 29 -2.74 36.58 -13.05
CA LYS A 29 -1.61 36.78 -12.13
C LYS A 29 -2.13 36.96 -10.71
N GLY A 30 -2.77 35.90 -10.21
CA GLY A 30 -3.31 35.90 -8.87
C GLY A 30 -2.23 36.03 -7.81
N GLU A 31 -2.28 37.12 -7.05
CA GLU A 31 -1.34 37.31 -5.96
C GLU A 31 -1.56 36.24 -4.89
N ILE A 32 -0.64 36.21 -3.91
CA ILE A 32 -0.80 35.28 -2.81
C ILE A 32 -1.51 35.92 -1.61
N GLN A 33 -2.00 37.14 -1.77
CA GLN A 33 -2.77 37.81 -0.72
C GLN A 33 -4.25 37.62 -1.01
N SER A 34 -4.91 36.83 -0.17
CA SER A 34 -6.30 36.47 -0.34
C SER A 34 -7.12 36.98 0.85
N PRO A 35 -8.44 37.13 0.68
CA PRO A 35 -9.25 37.70 1.77
C PRO A 35 -9.56 36.67 2.84
N GLU A 36 -9.03 36.91 4.04
CA GLU A 36 -9.51 36.25 5.24
C GLU A 36 -10.57 37.13 5.90
N GLU A 37 -11.49 37.58 5.05
CA GLU A 37 -12.59 38.44 5.46
C GLU A 37 -13.65 37.70 6.26
N ALA A 38 -13.66 36.37 6.20
CA ALA A 38 -14.75 35.58 6.79
C ALA A 38 -14.44 35.19 8.23
N ALA A 39 -14.26 36.21 9.06
CA ALA A 39 -14.12 36.05 10.51
C ALA A 39 -15.20 36.89 11.17
N ALA A 40 -16.40 36.34 11.22
CA ALA A 40 -17.60 37.01 11.70
C ALA A 40 -18.71 35.97 11.79
N LEU A 41 -19.93 36.43 12.01
CA LEU A 41 -21.08 35.56 11.77
C LEU A 41 -21.67 35.76 10.38
N SER A 42 -21.50 36.95 9.79
CA SER A 42 -21.87 37.20 8.41
C SER A 42 -21.11 38.43 7.94
N VAL A 43 -20.17 38.26 7.01
CA VAL A 43 -19.28 39.35 6.66
C VAL A 43 -20.08 40.54 6.12
N ALA A 44 -19.61 41.75 6.43
CA ALA A 44 -20.32 42.97 6.07
C ALA A 44 -19.35 44.11 5.82
N LEU A 45 -19.68 44.95 4.83
CA LEU A 45 -18.99 46.21 4.55
C LEU A 45 -17.47 46.04 4.47
N TYR A 46 -17.05 44.94 3.87
CA TYR A 46 -15.63 44.70 3.61
C TYR A 46 -15.37 44.93 2.13
N GLY A 47 -15.16 46.19 1.79
CA GLY A 47 -14.61 46.61 0.52
C GLY A 47 -13.12 46.85 0.59
N ALA A 48 -12.49 46.46 1.69
CA ALA A 48 -11.05 46.63 1.82
C ALA A 48 -10.23 45.88 0.78
N PRO A 49 -10.56 44.64 0.40
CA PRO A 49 -9.73 43.95 -0.60
C PRO A 49 -9.68 44.70 -1.91
N PRO A 50 -10.81 45.25 -2.39
CA PRO A 50 -10.59 46.15 -3.52
C PRO A 50 -10.30 47.58 -3.07
N ASN A 69 -30.78 44.13 21.31
CA ASN A 69 -31.11 45.12 22.34
C ASN A 69 -30.83 44.56 23.73
N ASP A 70 -31.34 43.34 23.99
CA ASP A 70 -31.16 42.67 25.27
C ASP A 70 -30.64 41.26 25.00
N LYS A 71 -29.33 41.13 24.88
CA LYS A 71 -28.75 39.82 24.59
C LYS A 71 -28.81 38.93 25.82
N TYR A 72 -29.31 37.71 25.64
CA TYR A 72 -29.48 36.80 26.76
C TYR A 72 -28.12 36.36 27.31
N LEU A 73 -28.18 35.61 28.41
CA LEU A 73 -26.99 35.22 29.14
C LEU A 73 -26.92 33.72 29.39
N SER A 74 -27.67 32.93 28.63
CA SER A 74 -27.68 31.48 28.87
C SER A 74 -26.33 30.86 28.61
N ASP A 75 -25.62 31.35 27.58
CA ASP A 75 -24.22 31.04 27.31
C ASP A 75 -24.03 29.61 26.81
N ASN A 76 -25.08 28.80 26.83
CA ASN A 76 -25.04 27.52 26.13
C ASN A 76 -25.82 27.59 24.83
N VAL A 77 -27.03 28.16 24.87
CA VAL A 77 -27.76 28.43 23.65
C VAL A 77 -27.11 29.58 22.90
N LEU A 78 -26.25 30.35 23.56
CA LEU A 78 -25.57 31.44 22.87
C LEU A 78 -24.48 30.91 21.95
N LEU A 79 -23.84 29.81 22.32
CA LEU A 79 -22.80 29.24 21.48
C LEU A 79 -23.41 28.46 20.31
N LYS A 80 -24.20 27.43 20.62
CA LYS A 80 -24.73 26.55 19.57
C LYS A 80 -25.52 27.34 18.55
N MET A 81 -26.27 28.35 18.98
CA MET A 81 -27.01 29.17 18.04
C MET A 81 -26.07 29.95 17.14
N SER A 82 -25.05 30.58 17.73
CA SER A 82 -24.11 31.34 16.92
C SER A 82 -23.35 30.45 15.95
N VAL A 83 -23.16 29.18 16.30
CA VAL A 83 -22.50 28.25 15.39
C VAL A 83 -23.47 27.80 14.30
N ALA A 84 -24.76 27.72 14.62
CA ALA A 84 -25.74 27.29 13.63
C ALA A 84 -25.76 28.23 12.43
N ARG A 85 -25.54 29.52 12.66
CA ARG A 85 -25.48 30.51 11.59
C ARG A 85 -24.05 31.05 11.54
N VAL A 86 -23.23 30.40 10.72
CA VAL A 86 -21.86 30.85 10.46
C VAL A 86 -21.67 30.90 8.95
N GLY A 87 -21.16 32.03 8.45
CA GLY A 87 -20.98 32.17 7.02
C GLY A 87 -20.12 31.08 6.42
N GLN A 88 -19.11 30.62 7.16
CA GLN A 88 -18.19 29.63 6.62
C GLN A 88 -18.49 28.22 7.05
N GLU A 89 -19.05 28.02 8.24
CA GLU A 89 -19.47 26.69 8.66
C GLU A 89 -20.79 26.39 7.96
N ASN A 90 -20.70 26.00 6.69
CA ASN A 90 -21.86 25.68 5.88
C ASN A 90 -21.62 24.41 5.10
N ASN A 91 -21.03 23.42 5.76
CA ASN A 91 -20.73 22.14 5.12
C ASN A 91 -20.62 21.07 6.18
N ARG A 92 -21.54 20.09 6.15
CA ARG A 92 -21.50 18.96 7.05
C ARG A 92 -21.19 17.65 6.35
N LYS A 93 -21.12 17.66 5.02
CA LYS A 93 -20.57 16.53 4.32
C LYS A 93 -19.08 16.37 4.61
N ARG A 94 -18.41 17.47 4.98
CA ARG A 94 -16.99 17.40 5.31
C ARG A 94 -16.77 16.93 6.74
N ALA A 95 -17.73 17.17 7.63
CA ALA A 95 -17.61 16.64 8.98
C ALA A 95 -17.72 15.13 9.00
N ASP A 96 -18.27 14.54 7.95
CA ASP A 96 -18.41 13.09 7.86
C ASP A 96 -17.22 12.46 7.17
N GLN A 97 -16.78 13.01 6.03
CA GLN A 97 -15.60 12.49 5.36
C GLN A 97 -14.41 12.45 6.29
N ALA A 98 -14.36 13.37 7.25
CA ALA A 98 -13.41 13.20 8.35
C ALA A 98 -13.74 11.93 9.12
N ALA A 99 -14.93 11.89 9.70
CA ALA A 99 -15.35 10.73 10.48
C ALA A 99 -15.38 9.46 9.64
N ASP A 100 -16.24 9.44 8.62
CA ASP A 100 -16.50 8.22 7.87
C ASP A 100 -15.22 7.62 7.31
N GLU A 101 -14.24 8.44 6.97
CA GLU A 101 -12.99 7.90 6.46
C GLU A 101 -11.98 7.66 7.57
N ILE A 102 -11.58 8.72 8.27
CA ILE A 102 -10.38 8.64 9.10
C ILE A 102 -10.56 7.63 10.21
N ARG A 103 -11.57 7.82 11.06
CA ARG A 103 -11.82 6.85 12.12
C ARG A 103 -11.86 5.43 11.60
N THR A 104 -12.28 5.25 10.35
CA THR A 104 -12.34 3.91 9.79
C THR A 104 -10.99 3.47 9.22
N ILE A 105 -10.40 4.28 8.35
CA ILE A 105 -9.20 3.81 7.67
C ILE A 105 -8.00 3.84 8.60
N MET A 106 -7.97 4.76 9.57
CA MET A 106 -6.91 4.70 10.57
C MET A 106 -7.00 3.41 11.38
N GLU A 107 -8.20 3.10 11.87
CA GLU A 107 -8.39 1.85 12.59
C GLU A 107 -8.10 0.66 11.69
N ASP A 108 -8.65 0.67 10.48
CA ASP A 108 -8.53 -0.49 9.60
C ASP A 108 -7.06 -0.74 9.25
N ILE A 109 -6.31 0.31 8.94
CA ILE A 109 -4.92 0.12 8.53
C ILE A 109 -4.08 -0.43 9.66
N THR A 110 -4.56 -0.37 10.89
CA THR A 110 -3.81 -0.89 12.02
C THR A 110 -4.13 -2.38 12.14
N GLY A 111 -3.20 -3.20 11.65
CA GLY A 111 -3.30 -4.64 11.73
C GLY A 111 -2.49 -5.17 12.89
N SER A 112 -2.53 -4.46 14.01
CA SER A 112 -1.92 -4.90 15.25
C SER A 112 -2.96 -5.37 16.26
N LEU A 113 -4.15 -5.71 15.79
CA LEU A 113 -5.25 -6.30 16.56
C LEU A 113 -6.38 -6.56 15.56
N SER A 114 -7.40 -7.27 16.01
CA SER A 114 -8.52 -7.57 15.12
C SER A 114 -9.70 -8.09 15.91
N GLY A 115 -10.90 -7.68 15.49
CA GLY A 115 -12.11 -8.21 16.06
C GLY A 115 -12.47 -9.56 15.47
N ALA A 116 -13.59 -10.11 15.95
CA ALA A 116 -14.02 -11.43 15.53
C ALA A 116 -14.81 -11.43 14.23
N TYR A 117 -14.76 -10.35 13.45
CA TYR A 117 -15.52 -10.25 12.21
C TYR A 117 -14.57 -10.02 11.02
N ARG A 118 -15.15 -9.69 9.87
CA ARG A 118 -14.47 -9.83 8.59
C ARG A 118 -13.17 -9.05 8.51
N GLN A 119 -12.18 -9.65 7.85
CA GLN A 119 -10.89 -9.04 7.58
C GLN A 119 -10.27 -9.74 6.39
N TYR A 120 -9.21 -9.16 5.83
CA TYR A 120 -8.59 -9.68 4.61
C TYR A 120 -7.29 -10.37 4.97
N SER A 121 -7.28 -11.70 4.86
CA SER A 121 -6.08 -12.50 5.08
C SER A 121 -6.24 -13.85 4.40
N PRO A 122 -5.77 -14.00 3.16
CA PRO A 122 -5.84 -15.31 2.51
C PRO A 122 -4.81 -16.28 3.07
N LEU A 123 -4.70 -17.45 2.47
CA LEU A 123 -3.80 -18.49 2.96
C LEU A 123 -2.35 -18.06 3.02
N GLU A 124 -2.01 -16.93 2.39
CA GLU A 124 -0.64 -16.43 2.41
C GLU A 124 -0.09 -16.27 3.82
N GLU A 125 -0.96 -16.15 4.83
CA GLU A 125 -0.48 -15.99 6.19
C GLU A 125 0.30 -17.21 6.64
N GLU A 126 -0.08 -18.40 6.17
CA GLU A 126 0.59 -19.62 6.60
C GLU A 126 2.06 -19.62 6.21
N ASN A 127 2.37 -19.18 4.99
CA ASN A 127 3.76 -19.20 4.54
C ASN A 127 4.62 -18.22 5.33
N LYS A 128 3.99 -17.23 5.97
CA LYS A 128 4.76 -16.28 6.76
C LYS A 128 5.33 -16.95 8.00
N VAL A 129 6.59 -16.66 8.30
CA VAL A 129 7.23 -17.20 9.49
C VAL A 129 6.46 -16.76 10.71
N HIS A 130 6.56 -17.54 11.79
CA HIS A 130 5.75 -17.33 12.97
C HIS A 130 6.61 -17.49 14.21
N ILE A 131 7.24 -16.40 14.64
CA ILE A 131 7.93 -16.32 15.92
C ILE A 131 7.71 -14.92 16.48
N GLY A 132 7.25 -14.84 17.72
CA GLY A 132 6.95 -13.57 18.35
C GLY A 132 8.03 -13.21 19.36
N ILE A 133 8.25 -11.91 19.53
CA ILE A 133 9.27 -11.39 20.43
C ILE A 133 8.57 -10.95 21.71
N MET A 134 8.65 -11.78 22.75
CA MET A 134 8.09 -11.40 24.03
C MET A 134 8.90 -10.24 24.63
N ASN A 135 8.19 -9.36 25.34
CA ASN A 135 8.79 -8.13 25.87
C ASN A 135 10.06 -8.39 26.67
N ASN A 136 10.24 -9.59 27.20
CA ASN A 136 11.46 -9.97 27.89
C ASN A 136 12.62 -10.25 26.95
N LYS A 137 12.50 -9.86 25.68
CA LYS A 137 13.51 -10.07 24.64
C LYS A 137 13.76 -11.54 24.34
N THR A 138 12.90 -12.43 24.81
CA THR A 138 12.99 -13.84 24.48
C THR A 138 11.92 -14.20 23.47
N PRO A 139 12.24 -14.98 22.44
CA PRO A 139 11.23 -15.26 21.40
C PRO A 139 10.10 -16.12 21.92
N SER A 140 8.90 -15.82 21.45
CA SER A 140 7.71 -16.60 21.75
C SER A 140 7.18 -17.18 20.45
N ILE A 141 7.03 -18.50 20.39
CA ILE A 141 6.71 -19.21 19.17
C ILE A 141 5.31 -19.79 19.28
N VAL A 142 4.54 -19.66 18.19
CA VAL A 142 3.21 -20.26 18.14
C VAL A 142 3.32 -21.75 18.36
N CYS A 143 2.34 -22.32 19.07
CA CYS A 143 2.40 -23.72 19.46
C CYS A 143 2.44 -24.64 18.24
N GLY A 144 3.41 -25.54 18.22
CA GLY A 144 3.44 -26.64 17.27
C GLY A 144 3.40 -26.26 15.81
N TYR A 145 4.23 -25.29 15.41
CA TYR A 145 4.41 -25.00 13.99
C TYR A 145 5.84 -25.27 13.52
N TYR A 146 6.60 -26.07 14.27
CA TYR A 146 7.91 -26.53 13.83
C TYR A 146 8.21 -27.86 14.50
N THR A 147 8.82 -28.77 13.75
CA THR A 147 9.41 -29.98 14.32
C THR A 147 10.91 -29.91 14.16
N MET A 148 11.62 -30.47 15.13
CA MET A 148 13.06 -30.30 15.23
C MET A 148 13.67 -31.62 15.67
N ASP A 149 14.90 -31.85 15.21
CA ASP A 149 15.60 -33.10 15.53
C ASP A 149 16.03 -33.03 16.99
N THR A 150 15.20 -33.56 17.87
CA THR A 150 15.49 -33.56 19.30
C THR A 150 16.39 -34.72 19.72
N SER A 151 16.73 -35.62 18.80
CA SER A 151 17.55 -36.76 19.18
C SER A 151 18.98 -36.32 19.50
N ILE A 152 19.67 -35.71 18.55
CA ILE A 152 21.00 -35.16 18.81
C ILE A 152 20.85 -33.92 19.68
N SER A 153 21.28 -34.01 20.93
CA SER A 153 21.28 -32.86 21.83
C SER A 153 22.68 -32.24 21.83
N SER A 154 23.06 -31.74 20.66
CA SER A 154 24.39 -31.18 20.47
C SER A 154 24.57 -29.91 21.31
N GLU A 155 25.81 -29.46 21.36
CA GLU A 155 26.15 -28.27 22.15
C GLU A 155 25.57 -27.03 21.49
N PRO A 156 24.78 -26.23 22.19
CA PRO A 156 24.33 -24.94 21.64
C PRO A 156 25.52 -24.07 21.29
N LEU A 157 25.39 -23.36 20.16
CA LEU A 157 26.50 -22.59 19.62
C LEU A 157 26.88 -21.47 20.58
N SER A 158 28.15 -21.07 20.53
CA SER A 158 28.68 -20.08 21.46
C SER A 158 29.52 -19.07 20.69
N LEU A 159 29.79 -17.93 21.34
CA LEU A 159 30.48 -16.83 20.67
C LEU A 159 31.81 -17.28 20.09
N THR A 160 32.56 -18.10 20.82
CA THR A 160 33.84 -18.56 20.31
C THR A 160 33.67 -19.59 19.19
N ASP A 161 32.50 -20.22 19.09
CA ASP A 161 32.27 -21.15 17.99
C ASP A 161 32.27 -20.42 16.66
N PHE A 162 31.77 -19.19 16.62
CA PHE A 162 31.86 -18.37 15.42
C PHE A 162 33.27 -17.80 15.25
N GLN A 163 33.81 -17.22 16.31
CA GLN A 163 35.01 -16.41 16.23
C GLN A 163 36.29 -17.24 16.13
N ASN A 164 36.18 -18.52 15.80
CA ASN A 164 37.36 -19.31 15.55
C ASN A 164 38.10 -18.78 14.32
N PRO A 165 39.43 -18.87 14.30
CA PRO A 165 40.17 -18.40 13.12
C PRO A 165 40.05 -19.32 11.92
N THR A 166 39.38 -20.46 12.06
CA THR A 166 39.30 -21.42 10.96
C THR A 166 38.23 -21.02 9.95
N VAL A 167 36.97 -20.94 10.40
CA VAL A 167 35.89 -20.70 9.47
C VAL A 167 35.95 -19.29 8.89
N ILE A 168 36.48 -18.33 9.65
CA ILE A 168 36.54 -16.95 9.16
C ILE A 168 37.36 -16.88 7.88
N ALA A 169 38.37 -17.73 7.76
CA ALA A 169 39.05 -17.86 6.48
C ALA A 169 38.21 -18.64 5.49
N ASN A 170 37.54 -19.70 5.95
CA ASN A 170 36.79 -20.56 5.05
C ASN A 170 35.70 -19.78 4.33
N VAL A 171 34.90 -19.01 5.07
CA VAL A 171 33.80 -18.28 4.45
C VAL A 171 34.32 -17.34 3.37
N THR A 172 35.44 -16.69 3.62
CA THR A 172 36.07 -15.86 2.60
C THR A 172 36.36 -16.67 1.36
N LYS A 173 36.99 -17.84 1.53
CA LYS A 173 37.22 -18.73 0.39
C LYS A 173 35.92 -19.05 -0.32
N ARG A 174 34.82 -19.17 0.43
CA ARG A 174 33.52 -19.33 -0.20
C ARG A 174 32.97 -18.00 -0.70
N MET A 175 33.38 -16.89 -0.09
CA MET A 175 32.86 -15.59 -0.51
C MET A 175 33.37 -15.23 -1.89
N GLU A 176 34.63 -15.56 -2.20
CA GLU A 176 35.10 -15.37 -3.57
C GLU A 176 34.25 -16.16 -4.55
N SER A 177 33.77 -17.33 -4.14
CA SER A 177 33.04 -18.20 -5.05
C SER A 177 31.80 -17.51 -5.60
N ILE A 178 30.84 -17.20 -4.72
CA ILE A 178 29.59 -16.59 -5.18
C ILE A 178 29.84 -15.18 -5.72
N PHE A 179 30.94 -14.54 -5.32
CA PHE A 179 31.27 -13.20 -5.79
C PHE A 179 32.38 -13.22 -6.84
N SER A 180 32.53 -14.32 -7.58
CA SER A 180 33.58 -14.39 -8.58
C SER A 180 33.15 -13.72 -9.88
N LYS A 181 31.91 -13.93 -10.29
CA LYS A 181 31.44 -13.43 -11.59
C LYS A 181 31.00 -11.98 -11.55
N VAL A 182 31.21 -11.26 -10.44
CA VAL A 182 30.86 -9.85 -10.40
C VAL A 182 31.96 -9.00 -11.03
N ASP A 183 33.22 -9.30 -10.71
CA ASP A 183 34.39 -8.62 -11.24
C ASP A 183 35.63 -9.28 -10.67
N SER A 184 36.77 -9.04 -11.33
CA SER A 184 38.05 -9.57 -10.89
C SER A 184 39.02 -8.48 -10.46
N ALA A 185 39.20 -7.45 -11.28
CA ALA A 185 40.13 -6.37 -10.94
C ALA A 185 39.69 -5.64 -9.69
N ARG A 186 38.48 -5.09 -9.70
CA ARG A 186 37.97 -4.39 -8.52
C ARG A 186 37.75 -5.36 -7.35
N SER A 187 37.80 -6.66 -7.58
CA SER A 187 37.69 -7.65 -6.52
C SER A 187 39.06 -7.81 -5.84
N THR A 188 39.44 -6.76 -5.12
CA THR A 188 40.76 -6.72 -4.50
C THR A 188 40.76 -7.42 -3.16
N ARG A 189 39.88 -7.01 -2.25
CA ARG A 189 39.89 -7.53 -0.89
C ARG A 189 38.53 -7.30 -0.25
N PHE A 190 38.01 -8.34 0.41
CA PHE A 190 36.83 -8.19 1.25
C PHE A 190 36.93 -8.98 2.55
N ASP A 191 38.06 -9.62 2.81
CA ASP A 191 38.22 -10.38 4.05
C ASP A 191 38.03 -9.49 5.27
N ALA A 192 38.63 -8.29 5.24
CA ALA A 192 38.48 -7.36 6.35
C ALA A 192 37.02 -7.10 6.68
N PHE A 193 36.18 -7.03 5.66
CA PHE A 193 34.74 -6.94 5.90
C PHE A 193 34.24 -8.20 6.58
N VAL A 194 34.64 -9.36 6.07
CA VAL A 194 34.23 -10.63 6.67
C VAL A 194 34.77 -10.72 8.10
N ASN A 195 36.01 -10.29 8.32
CA ASN A 195 36.53 -10.22 9.68
C ASN A 195 35.68 -9.29 10.53
N GLY A 196 35.19 -8.21 9.95
CA GLY A 196 34.40 -7.27 10.73
C GLY A 196 33.09 -7.86 11.22
N VAL A 197 32.32 -8.46 10.32
CA VAL A 197 31.01 -8.97 10.68
C VAL A 197 31.08 -10.02 11.77
N ALA A 198 32.23 -10.69 11.90
CA ALA A 198 32.41 -11.62 13.01
C ALA A 198 32.84 -10.89 14.26
N ASN A 199 33.96 -10.17 14.19
CA ASN A 199 34.54 -9.53 15.35
C ASN A 199 33.72 -8.37 15.88
N ASN A 200 32.57 -8.06 15.30
CA ASN A 200 31.71 -7.04 15.86
C ASN A 200 31.29 -7.42 17.28
N MET A 201 30.94 -6.40 18.07
CA MET A 201 30.74 -6.62 19.49
C MET A 201 29.33 -7.16 19.79
N ASP A 202 28.41 -7.05 18.86
CA ASP A 202 27.02 -7.36 19.15
C ASP A 202 26.60 -8.75 18.67
N ILE A 203 27.28 -9.30 17.67
CA ILE A 203 26.86 -10.59 17.09
C ILE A 203 26.68 -11.64 18.18
N LYS A 204 27.39 -11.49 19.30
CA LYS A 204 27.23 -12.44 20.40
C LYS A 204 25.78 -12.47 20.87
N SER A 205 25.13 -11.32 20.95
CA SER A 205 23.71 -11.31 21.29
C SER A 205 22.90 -12.06 20.24
N SER A 206 23.21 -11.84 18.96
CA SER A 206 22.49 -12.50 17.89
C SER A 206 22.54 -14.02 18.06
N ILE A 207 23.74 -14.59 18.13
CA ILE A 207 23.85 -16.04 18.28
C ILE A 207 23.24 -16.49 19.60
N ASP A 208 23.48 -15.74 20.68
CA ASP A 208 22.79 -16.04 21.92
C ASP A 208 21.29 -15.97 21.74
N TRP A 209 20.80 -14.92 21.07
CA TRP A 209 19.38 -14.90 20.71
C TRP A 209 19.03 -16.09 19.84
N ALA A 210 19.90 -16.44 18.90
CA ALA A 210 19.72 -17.67 18.14
C ALA A 210 19.73 -18.88 19.07
N ASN A 211 20.58 -18.86 20.09
CA ASN A 211 20.54 -19.92 21.09
C ASN A 211 19.21 -19.97 21.81
N MET A 212 18.61 -18.80 22.06
CA MET A 212 17.29 -18.78 22.71
C MET A 212 16.22 -19.36 21.81
N VAL A 213 16.50 -19.48 20.51
CA VAL A 213 15.52 -20.04 19.60
C VAL A 213 15.40 -21.54 19.81
N GLU A 214 16.53 -22.24 19.75
CA GLU A 214 16.49 -23.70 19.67
C GLU A 214 15.83 -24.31 20.90
N ASN A 215 16.31 -23.94 22.09
CA ASN A 215 15.89 -24.60 23.32
C ASN A 215 14.38 -24.54 23.48
N VAL A 216 13.81 -23.34 23.39
CA VAL A 216 12.36 -23.21 23.50
C VAL A 216 11.66 -23.97 22.39
N ILE A 217 12.26 -24.02 21.20
CA ILE A 217 11.65 -24.74 20.09
C ILE A 217 11.61 -26.24 20.38
N LYS A 218 12.71 -26.79 20.89
CA LYS A 218 12.76 -28.24 21.09
C LYS A 218 12.06 -28.66 22.38
N LEU A 219 12.17 -27.85 23.42
CA LEU A 219 11.65 -28.23 24.72
C LEU A 219 10.11 -28.33 24.64
N PRO A 220 9.49 -29.11 25.54
CA PRO A 220 8.03 -29.27 25.48
C PRO A 220 7.26 -27.98 25.68
N ASP A 221 5.93 -28.08 25.56
CA ASP A 221 5.08 -26.90 25.52
C ASP A 221 5.01 -26.20 26.87
N SER A 222 4.57 -26.90 27.91
CA SER A 222 4.29 -26.29 29.20
C SER A 222 5.53 -26.21 30.09
N THR A 223 6.72 -26.20 29.51
CA THR A 223 7.95 -26.05 30.27
C THR A 223 8.02 -24.65 30.87
N PRO A 224 8.92 -24.41 31.83
CA PRO A 224 9.06 -23.06 32.41
C PRO A 224 9.19 -21.96 31.37
N ASN A 225 9.78 -22.24 30.22
CA ASN A 225 9.71 -21.34 29.07
C ASN A 225 8.39 -21.59 28.35
N PRO A 226 7.40 -20.73 28.52
CA PRO A 226 6.04 -21.07 28.08
C PRO A 226 5.91 -21.02 26.56
N CYS A 227 4.73 -21.46 26.11
CA CYS A 227 4.36 -21.40 24.71
C CYS A 227 2.94 -20.85 24.61
N SER A 228 2.64 -20.23 23.48
CA SER A 228 1.37 -19.52 23.30
C SER A 228 0.49 -20.27 22.31
N VAL A 229 -0.76 -19.80 22.21
CA VAL A 229 -1.70 -20.39 21.26
C VAL A 229 -1.65 -19.64 19.93
N ASP A 230 -1.55 -18.31 19.97
CA ASP A 230 -1.40 -17.50 18.78
C ASP A 230 -0.40 -16.39 19.09
N THR A 231 0.31 -15.95 18.07
CA THR A 231 1.32 -14.92 18.25
C THR A 231 0.67 -13.62 18.66
N ILE A 232 1.30 -12.93 19.61
CA ILE A 232 0.86 -11.60 20.02
C ILE A 232 1.97 -10.65 19.59
N VAL A 233 2.60 -10.99 18.47
CA VAL A 233 3.76 -10.26 17.94
C VAL A 233 3.52 -8.76 17.97
N SER A 234 2.26 -8.34 17.84
CA SER A 234 1.87 -6.96 18.11
C SER A 234 1.70 -6.75 19.61
N ARG A 235 2.81 -6.97 20.32
CA ARG A 235 2.82 -6.81 21.78
C ARG A 235 2.53 -5.39 22.23
N ASP A 236 2.36 -4.46 21.29
CA ASP A 236 1.91 -3.12 21.60
C ASP A 236 0.40 -2.97 21.48
N ALA A 237 -0.32 -4.09 21.32
CA ALA A 237 -1.75 -4.04 21.08
C ALA A 237 -2.49 -3.22 22.13
N SER A 238 -1.98 -3.20 23.36
CA SER A 238 -2.60 -2.40 24.40
C SER A 238 -2.35 -0.91 24.17
N VAL A 239 -1.08 -0.53 24.02
CA VAL A 239 -0.76 0.89 23.91
C VAL A 239 -1.25 1.45 22.58
N VAL A 240 -1.39 0.61 21.55
CA VAL A 240 -1.83 1.14 20.26
C VAL A 240 -3.35 1.26 20.23
N LYS A 241 -4.06 0.34 20.88
CA LYS A 241 -5.50 0.47 20.96
C LYS A 241 -5.89 1.73 21.70
N THR A 242 -5.09 2.12 22.70
CA THR A 242 -5.34 3.38 23.38
C THR A 242 -5.20 4.57 22.44
N ALA A 243 -4.40 4.43 21.37
CA ALA A 243 -4.31 5.50 20.39
C ALA A 243 -5.56 5.57 19.53
N VAL A 244 -6.12 4.43 19.16
CA VAL A 244 -7.38 4.44 18.42
C VAL A 244 -8.52 4.84 19.33
N ASN A 245 -8.50 4.38 20.58
CA ASN A 245 -9.35 4.97 21.61
C ASN A 245 -9.14 6.47 21.70
N ASP A 246 -8.01 6.97 21.21
CA ASP A 246 -7.68 8.39 21.28
C ASP A 246 -7.96 9.12 19.97
N ILE A 247 -7.38 8.65 18.85
CA ILE A 247 -7.49 9.36 17.59
C ILE A 247 -8.94 9.67 17.26
N TYR A 248 -9.87 8.87 17.77
CA TYR A 248 -11.29 9.20 17.67
C TYR A 248 -11.67 10.43 18.47
N ALA A 249 -10.72 11.10 19.12
CA ALA A 249 -11.04 12.33 19.83
C ALA A 249 -11.52 13.42 18.87
N SER A 250 -11.34 13.21 17.57
CA SER A 250 -11.93 14.13 16.60
C SER A 250 -13.44 14.24 16.80
N VAL A 251 -14.16 13.14 16.64
CA VAL A 251 -15.62 13.15 16.78
C VAL A 251 -16.11 12.07 17.73
N GLY A 252 -15.69 10.84 17.51
CA GLY A 252 -16.47 9.67 17.89
C GLY A 252 -16.55 9.35 19.36
N LYS A 253 -15.58 9.75 20.17
CA LYS A 253 -15.52 9.23 21.53
C LYS A 253 -16.55 9.95 22.40
N SER A 254 -16.48 9.72 23.72
CA SER A 254 -17.55 10.13 24.62
C SER A 254 -17.81 11.64 24.54
N TYR A 255 -16.80 12.45 24.78
CA TYR A 255 -16.95 13.90 24.70
C TYR A 255 -17.08 14.32 23.24
N CYS A 256 -18.15 13.86 22.62
CA CYS A 256 -18.43 14.13 21.21
C CYS A 256 -19.02 15.54 21.09
N ARG A 257 -18.16 16.53 21.26
CA ARG A 257 -18.62 17.90 21.15
C ARG A 257 -18.72 18.22 19.66
N PRO A 258 -19.93 18.25 19.10
CA PRO A 258 -20.06 18.23 17.64
C PRO A 258 -19.55 19.50 16.99
N ALA A 259 -19.87 20.66 17.56
CA ALA A 259 -19.32 21.90 17.04
C ALA A 259 -17.82 21.90 17.25
N THR A 260 -17.11 22.51 16.32
CA THR A 260 -15.68 22.83 16.47
C THR A 260 -14.87 21.60 16.81
N GLN A 261 -14.83 20.64 15.89
CA GLN A 261 -13.93 19.51 16.04
C GLN A 261 -12.50 19.95 15.78
N LEU A 262 -11.58 19.47 16.63
CA LEU A 262 -10.16 19.82 16.53
C LEU A 262 -9.94 21.32 16.62
N THR A 263 -10.45 21.92 17.69
CA THR A 263 -10.22 23.34 17.92
C THR A 263 -9.67 23.61 19.32
N PHE A 264 -10.15 22.87 20.31
CA PHE A 264 -9.64 23.04 21.67
C PHE A 264 -8.21 22.52 21.76
N MET A 265 -7.32 23.35 22.30
CA MET A 265 -5.92 22.95 22.40
C MET A 265 -5.76 21.66 23.18
N SER A 266 -6.64 21.41 24.16
CA SER A 266 -6.58 20.16 24.90
C SER A 266 -6.79 18.98 23.97
N GLU A 267 -7.71 19.11 23.02
CA GLU A 267 -7.96 18.03 22.07
C GLU A 267 -6.78 17.86 21.12
N ILE A 268 -6.19 18.96 20.69
CA ILE A 268 -5.16 18.88 19.65
C ILE A 268 -3.90 18.21 20.19
N GLU A 269 -3.49 18.59 21.40
CA GLU A 269 -2.30 17.95 21.97
C GLU A 269 -2.53 16.46 22.20
N LYS A 270 -3.78 16.05 22.35
CA LYS A 270 -4.06 14.62 22.44
C LYS A 270 -3.72 13.92 21.14
N LEU A 271 -4.02 14.55 20.01
CA LEU A 271 -3.78 13.92 18.72
C LEU A 271 -2.30 13.69 18.49
N ARG A 272 -1.49 14.75 18.62
CA ARG A 272 -0.07 14.63 18.34
C ARG A 272 0.56 13.49 19.13
N LYS A 273 0.31 13.45 20.43
CA LYS A 273 0.80 12.34 21.24
C LYS A 273 0.19 11.03 20.77
N ALA A 274 -1.10 11.04 20.41
CA ALA A 274 -1.73 9.81 19.94
C ALA A 274 -1.32 9.48 18.52
N ALA A 275 -0.99 10.48 17.72
CA ALA A 275 -0.51 10.20 16.37
C ALA A 275 0.87 9.60 16.41
N VAL A 276 1.80 10.23 17.13
CA VAL A 276 3.18 9.77 17.12
C VAL A 276 3.28 8.36 17.69
N VAL A 277 2.46 8.03 18.68
CA VAL A 277 2.55 6.70 19.27
C VAL A 277 2.06 5.65 18.28
N CYS A 278 1.11 6.03 17.43
CA CYS A 278 0.61 5.09 16.43
C CYS A 278 1.60 4.89 15.30
N PHE A 279 2.38 5.91 14.97
CA PHE A 279 3.34 5.80 13.88
C PHE A 279 4.61 5.07 14.31
N GLU A 280 5.16 5.42 15.48
CA GLU A 280 6.37 4.75 15.91
C GLU A 280 6.11 3.28 16.17
N ALA A 281 4.87 2.92 16.53
CA ALA A 281 4.53 1.53 16.74
C ALA A 281 4.72 0.73 15.45
N LEU A 282 4.10 1.19 14.37
CA LEU A 282 4.23 0.50 13.10
C LEU A 282 5.69 0.42 12.67
N MET A 283 6.39 1.55 12.72
CA MET A 283 7.81 1.54 12.39
C MET A 283 8.62 0.73 13.37
N SER A 284 8.06 0.41 14.54
CA SER A 284 8.68 -0.57 15.41
C SER A 284 8.26 -1.99 15.07
N ASP A 285 7.07 -2.15 14.51
CA ASP A 285 6.62 -3.48 14.10
C ASP A 285 7.45 -3.97 12.92
N THR A 286 7.60 -3.14 11.89
CA THR A 286 8.44 -3.54 10.76
C THR A 286 9.90 -3.65 11.19
N ARG A 287 10.32 -2.82 12.14
CA ARG A 287 11.62 -3.01 12.75
C ARG A 287 11.76 -4.41 13.32
N GLU A 288 10.87 -4.75 14.26
CA GLU A 288 10.94 -6.04 14.94
C GLU A 288 10.87 -7.19 13.94
N ARG A 289 9.81 -7.25 13.14
CA ARG A 289 9.63 -8.38 12.25
C ARG A 289 10.78 -8.49 11.26
N ALA A 290 11.46 -7.39 10.96
CA ALA A 290 12.64 -7.49 10.11
C ALA A 290 13.72 -8.33 10.77
N PHE A 291 13.84 -8.23 12.10
CA PHE A 291 14.78 -9.06 12.83
C PHE A 291 14.36 -10.52 12.80
N VAL A 292 13.14 -10.79 13.28
CA VAL A 292 12.72 -12.18 13.49
C VAL A 292 12.65 -12.93 12.18
N GLU A 293 12.45 -12.25 11.06
CA GLU A 293 12.50 -12.94 9.78
C GLU A 293 13.92 -13.24 9.37
N PHE A 294 14.82 -12.26 9.52
CA PHE A 294 16.17 -12.41 8.99
C PHE A 294 16.90 -13.54 9.68
N LEU A 295 16.96 -13.49 11.02
CA LEU A 295 17.69 -14.50 11.78
C LEU A 295 17.20 -15.91 11.45
N PHE A 296 15.92 -16.16 11.65
CA PHE A 296 15.36 -17.49 11.40
C PHE A 296 15.70 -17.99 10.01
N TYR A 297 15.63 -17.11 9.01
CA TYR A 297 15.98 -17.53 7.66
C TYR A 297 17.46 -17.90 7.56
N VAL A 298 18.32 -17.14 8.25
CA VAL A 298 19.75 -17.38 8.11
C VAL A 298 20.29 -18.32 9.19
N SER A 299 19.62 -18.43 10.33
CA SER A 299 20.09 -19.28 11.41
C SER A 299 19.45 -20.66 11.40
N PHE A 300 18.73 -21.01 10.34
CA PHE A 300 18.09 -22.33 10.27
C PHE A 300 17.93 -22.71 8.81
N LYS A 301 17.60 -23.99 8.59
CA LYS A 301 17.37 -24.51 7.25
C LYS A 301 16.40 -25.67 7.34
N GLU A 302 15.78 -25.99 6.21
CA GLU A 302 14.93 -27.17 6.16
C GLU A 302 15.77 -28.43 6.39
N ASP A 303 15.07 -29.55 6.55
CA ASP A 303 15.72 -30.82 6.88
C ASP A 303 16.11 -31.54 5.60
N ALA A 304 17.41 -31.85 5.46
CA ALA A 304 17.90 -32.49 4.25
C ALA A 304 17.49 -33.95 4.17
N SER A 305 17.10 -34.56 5.29
CA SER A 305 16.66 -35.95 5.26
C SER A 305 15.24 -36.05 4.72
N ASN A 306 14.29 -35.42 5.40
CA ASN A 306 12.88 -35.50 5.02
C ASN A 306 12.52 -34.38 4.05
N THR A 307 13.09 -34.44 2.86
CA THR A 307 12.76 -33.53 1.78
C THR A 307 11.60 -34.02 0.93
N ASN A 308 10.75 -34.88 1.48
CA ASN A 308 9.63 -35.42 0.74
C ASN A 308 8.69 -34.31 0.29
N SER A 309 8.68 -34.02 -1.00
CA SER A 309 7.82 -32.96 -1.52
C SER A 309 6.34 -33.31 -1.37
N LYS A 310 6.01 -34.59 -1.48
CA LYS A 310 4.61 -35.01 -1.42
C LYS A 310 3.99 -34.63 -0.08
N LEU A 311 4.56 -35.14 1.01
CA LEU A 311 4.01 -34.86 2.33
C LEU A 311 4.06 -33.36 2.64
N PHE A 312 5.00 -32.65 2.02
CA PHE A 312 5.15 -31.22 2.31
C PHE A 312 3.89 -30.44 1.98
N VAL A 313 3.46 -30.51 0.72
CA VAL A 313 2.38 -29.64 0.26
C VAL A 313 1.07 -29.98 0.95
N GLN A 314 0.74 -31.26 1.07
CA GLN A 314 -0.48 -31.64 1.76
C GLN A 314 -0.46 -31.22 3.22
N ASN A 315 0.72 -31.15 3.82
CA ASN A 315 0.81 -30.67 5.20
C ASN A 315 0.50 -29.17 5.28
N LYS A 316 1.06 -28.38 4.36
CA LYS A 316 0.75 -26.96 4.34
C LYS A 316 -0.74 -26.75 4.10
N LEU A 317 -1.27 -27.33 3.04
CA LEU A 317 -2.70 -27.23 2.75
C LEU A 317 -3.55 -27.72 3.91
N SER A 318 -2.99 -28.54 4.81
CA SER A 318 -3.75 -28.94 5.99
C SER A 318 -4.03 -27.75 6.89
N SER A 319 -3.11 -26.78 6.94
CA SER A 319 -3.33 -25.60 7.77
C SER A 319 -4.53 -24.81 7.28
N MET A 320 -4.70 -24.71 5.96
CA MET A 320 -5.88 -24.05 5.41
C MET A 320 -7.16 -24.76 5.83
N SER A 321 -7.13 -26.08 5.90
CA SER A 321 -8.34 -26.83 6.23
C SER A 321 -8.80 -26.52 7.66
N GLY A 322 -7.87 -26.49 8.60
CA GLY A 322 -8.18 -26.29 10.00
C GLY A 322 -7.92 -27.49 10.88
N ASN A 323 -7.54 -28.63 10.30
CA ASN A 323 -7.17 -29.79 11.09
C ASN A 323 -5.89 -29.49 11.86
N PRO A 324 -5.59 -30.27 12.90
CA PRO A 324 -4.31 -30.10 13.59
C PRO A 324 -3.16 -30.37 12.64
N ARG A 325 -2.39 -29.33 12.33
CA ARG A 325 -1.35 -29.47 11.33
C ARG A 325 -0.12 -30.14 11.94
N GLN A 326 0.52 -30.98 11.13
CA GLN A 326 1.77 -31.63 11.53
C GLN A 326 2.95 -30.78 11.10
N PRO A 327 3.65 -30.16 12.04
CA PRO A 327 4.62 -29.10 11.68
C PRO A 327 5.79 -29.63 10.87
N ILE A 328 6.59 -28.69 10.39
CA ILE A 328 7.68 -28.98 9.45
C ILE A 328 8.96 -29.25 10.23
N LYS A 329 9.92 -29.86 9.54
CA LYS A 329 11.20 -30.25 10.12
C LYS A 329 12.30 -29.31 9.67
N LEU A 330 13.10 -28.86 10.63
CA LEU A 330 14.24 -27.99 10.35
C LEU A 330 15.39 -28.40 11.25
N VAL A 331 16.57 -27.86 10.96
CA VAL A 331 17.78 -28.20 11.69
C VAL A 331 18.68 -26.97 11.73
N ARG A 332 19.31 -26.76 12.88
CA ARG A 332 20.20 -25.61 13.04
C ARG A 332 21.33 -25.67 12.01
N ARG A 333 21.80 -24.51 11.63
CA ARG A 333 22.75 -24.39 10.54
C ARG A 333 24.19 -24.45 11.05
N SER A 334 25.09 -24.74 10.14
CA SER A 334 26.50 -24.77 10.48
C SER A 334 27.01 -23.36 10.71
N ALA A 335 27.93 -23.22 11.68
CA ALA A 335 28.55 -21.92 11.91
C ALA A 335 29.13 -21.34 10.64
N GLU A 336 29.58 -22.20 9.73
CA GLU A 336 30.15 -21.73 8.47
C GLU A 336 29.11 -20.98 7.66
N GLU A 337 28.02 -21.66 7.28
CA GLU A 337 27.03 -21.05 6.41
C GLU A 337 26.34 -19.86 7.07
N THR A 338 26.15 -19.89 8.38
CA THR A 338 25.52 -18.76 9.06
C THR A 338 26.36 -17.50 8.89
N LEU A 339 27.64 -17.57 9.24
CA LEU A 339 28.52 -16.44 9.00
C LEU A 339 28.53 -16.07 7.53
N PHE A 340 28.54 -17.06 6.65
CA PHE A 340 28.46 -16.78 5.22
C PHE A 340 27.16 -16.06 4.89
N GLY A 341 26.03 -16.62 5.32
CA GLY A 341 24.76 -15.94 5.10
C GLY A 341 24.73 -14.56 5.72
N LEU A 342 25.26 -14.44 6.94
CA LEU A 342 25.32 -13.14 7.60
C LEU A 342 26.15 -12.16 6.79
N CYS A 343 27.40 -12.53 6.50
CA CYS A 343 28.28 -11.62 5.77
C CYS A 343 27.76 -11.35 4.36
N PHE A 344 26.94 -12.25 3.81
CA PHE A 344 26.38 -12.00 2.49
C PHE A 344 25.24 -11.00 2.58
N MET A 345 24.26 -11.25 3.45
CA MET A 345 23.15 -10.32 3.59
C MET A 345 23.62 -8.96 4.07
N PHE A 346 24.78 -8.90 4.71
CA PHE A 346 25.38 -7.63 5.08
C PHE A 346 26.17 -7.01 3.93
N LYS A 347 26.14 -7.63 2.75
CA LYS A 347 26.82 -7.11 1.58
C LYS A 347 25.88 -6.71 0.46
N VAL A 348 24.63 -7.17 0.48
CA VAL A 348 23.68 -6.86 -0.58
C VAL A 348 22.80 -5.68 -0.20
N MET A 349 22.33 -5.64 1.05
CA MET A 349 21.52 -4.53 1.51
C MET A 349 22.39 -3.28 1.63
N PRO A 350 21.77 -2.10 1.66
CA PRO A 350 22.53 -0.85 1.80
C PRO A 350 23.36 -0.85 3.07
N PRO A 351 24.41 -0.02 3.13
CA PRO A 351 25.33 -0.08 4.28
C PRO A 351 24.67 0.16 5.61
N GLU A 352 23.49 0.77 5.65
CA GLU A 352 22.83 1.04 6.92
C GLU A 352 22.43 -0.24 7.63
N PHE A 353 22.24 -1.34 6.90
CA PHE A 353 21.57 -2.51 7.46
C PHE A 353 22.30 -3.03 8.70
N MET A 354 23.62 -3.14 8.63
CA MET A 354 24.39 -3.73 9.72
C MET A 354 24.05 -3.15 11.08
N ASN A 355 23.54 -1.92 11.12
CA ASN A 355 23.19 -1.30 12.38
C ASN A 355 21.75 -1.57 12.80
N CYS A 356 20.81 -1.56 11.85
CA CYS A 356 19.41 -1.68 12.23
C CYS A 356 19.05 -3.10 12.64
N ILE A 357 19.88 -4.09 12.31
CA ILE A 357 19.61 -5.46 12.72
C ILE A 357 20.31 -5.82 14.03
N PHE A 358 21.36 -5.09 14.41
CA PHE A 358 22.13 -5.43 15.59
C PHE A 358 21.40 -5.05 16.87
N ASN A 359 21.12 -3.77 17.06
CA ASN A 359 20.70 -3.28 18.36
C ASN A 359 19.26 -3.61 18.72
N PHE A 360 18.55 -4.35 17.88
CA PHE A 360 17.13 -4.62 18.14
C PHE A 360 16.87 -5.21 19.53
N PRO A 361 17.60 -6.22 20.00
CA PRO A 361 17.38 -6.69 21.38
C PRO A 361 17.66 -5.64 22.43
N THR A 362 18.51 -4.66 22.12
CA THR A 362 18.74 -3.52 23.00
C THR A 362 17.72 -2.44 22.64
N ILE A 363 16.54 -2.54 23.23
CA ILE A 363 15.43 -1.66 22.86
C ILE A 363 15.83 -0.21 23.09
N PRO A 364 15.70 0.69 22.10
CA PRO A 364 15.99 2.12 22.27
C PRO A 364 15.11 2.78 23.32
N TYR A 373 14.24 5.56 19.99
CA TYR A 373 14.94 6.03 18.79
C TYR A 373 14.24 5.54 17.53
N GLY A 374 14.79 4.48 16.92
CA GLY A 374 14.26 3.94 15.69
C GLY A 374 14.48 4.79 14.46
N THR A 375 15.13 5.95 14.60
CA THR A 375 15.36 6.83 13.46
C THR A 375 16.28 6.20 12.41
N CYS A 376 17.09 5.21 12.80
CA CYS A 376 18.01 4.59 11.87
C CYS A 376 17.30 3.82 10.77
N LEU A 377 16.05 3.41 10.99
CA LEU A 377 15.35 2.65 9.97
C LEU A 377 14.84 3.55 8.85
N THR A 378 14.55 4.81 9.16
CA THR A 378 13.95 5.70 8.16
C THR A 378 14.83 5.89 6.93
N PRO A 379 16.13 6.15 7.04
CA PRO A 379 16.91 6.28 5.79
C PRO A 379 16.97 5.00 5.01
N LEU A 380 16.85 3.85 5.68
CA LEU A 380 16.83 2.58 4.96
C LEU A 380 15.52 2.40 4.21
N LEU A 381 14.40 2.52 4.93
CA LEU A 381 13.11 2.26 4.31
C LEU A 381 12.82 3.25 3.20
N ARG A 382 13.32 4.49 3.31
CA ARG A 382 13.00 5.50 2.32
C ARG A 382 13.63 5.23 0.97
N LYS A 383 14.45 4.20 0.84
CA LYS A 383 15.00 3.85 -0.46
C LYS A 383 13.91 3.35 -1.40
N TYR A 384 12.95 2.58 -0.87
CA TYR A 384 11.94 1.97 -1.72
C TYR A 384 10.96 3.02 -2.22
N GLY A 385 10.26 3.67 -1.29
CA GLY A 385 9.27 4.67 -1.66
C GLY A 385 9.51 5.99 -0.97
N SER A 386 9.41 7.08 -1.73
CA SER A 386 9.62 8.42 -1.21
C SER A 386 8.40 8.96 -0.48
N SER A 387 7.47 8.07 -0.10
CA SER A 387 6.21 8.51 0.46
C SER A 387 6.33 8.94 1.92
N PHE A 388 6.77 8.02 2.78
CA PHE A 388 6.56 8.21 4.21
C PHE A 388 7.46 9.29 4.78
N GLU A 389 8.72 9.34 4.34
CA GLU A 389 9.67 10.26 4.96
C GLU A 389 9.25 11.71 4.77
N LYS A 390 8.48 12.00 3.73
CA LYS A 390 8.11 13.38 3.42
C LYS A 390 6.66 13.68 3.78
N SER A 391 5.77 12.70 3.64
CA SER A 391 4.38 12.93 4.01
C SER A 391 4.23 13.08 5.51
N TRP A 392 4.92 12.24 6.29
CA TRP A 392 4.85 12.37 7.75
C TRP A 392 5.32 13.74 8.20
N ALA A 393 6.39 14.25 7.58
CA ALA A 393 6.83 15.61 7.88
C ALA A 393 5.72 16.62 7.61
N HIS A 394 4.88 16.34 6.62
CA HIS A 394 3.80 17.25 6.30
C HIS A 394 2.64 17.15 7.27
N PHE A 395 2.61 16.13 8.12
CA PHE A 395 1.55 16.05 9.12
C PHE A 395 1.91 16.85 10.36
N GLU A 396 3.12 16.69 10.87
CA GLU A 396 3.55 17.47 12.02
C GLU A 396 3.56 18.95 11.70
N GLU A 397 3.84 19.31 10.44
CA GLU A 397 3.85 20.71 10.03
C GLU A 397 2.47 21.32 10.18
N ILE A 398 1.48 20.77 9.47
CA ILE A 398 0.13 21.32 9.53
C ILE A 398 -0.41 21.26 10.95
N LEU A 399 -0.09 20.19 11.67
CA LEU A 399 -0.57 20.07 13.04
C LEU A 399 0.06 21.13 13.92
N SER A 400 1.38 21.28 13.87
CA SER A 400 2.05 22.32 14.64
C SER A 400 1.52 23.69 14.26
N GLU A 401 1.30 23.93 12.97
CA GLU A 401 0.79 25.22 12.54
C GLU A 401 -0.61 25.45 13.08
N ARG A 402 -1.47 24.43 13.06
CA ARG A 402 -2.80 24.59 13.62
C ARG A 402 -2.75 24.75 15.13
N ALA A 403 -1.79 24.09 15.79
CA ALA A 403 -1.64 24.26 17.23
C ALA A 403 -1.25 25.69 17.55
N ASN A 404 -0.28 26.24 16.80
CA ASN A 404 0.10 27.62 16.99
C ASN A 404 -1.07 28.56 16.75
N ALA A 405 -1.98 28.20 15.84
CA ALA A 405 -3.09 29.09 15.53
C ALA A 405 -3.99 29.28 16.74
N VAL A 406 -4.32 28.20 17.44
CA VAL A 406 -5.25 28.31 18.55
C VAL A 406 -4.59 28.92 19.76
N LYS A 407 -3.36 28.53 20.05
CA LYS A 407 -2.66 29.10 21.20
C LYS A 407 -2.52 30.60 21.07
N LYS A 408 -2.39 31.11 19.85
CA LYS A 408 -2.30 32.56 19.66
C LYS A 408 -3.62 33.25 19.92
N PHE A 409 -4.74 32.56 19.75
CA PHE A 409 -6.07 33.13 20.00
C PHE A 409 -6.54 32.61 21.36
N GLY A 410 -6.33 33.42 22.38
CA GLY A 410 -6.78 33.08 23.72
C GLY A 410 -8.25 32.73 23.76
N VAL A 411 -8.56 31.47 24.10
CA VAL A 411 -9.93 30.99 24.13
C VAL A 411 -10.81 31.86 25.01
N ASN A 412 -10.27 32.38 26.11
CA ASN A 412 -11.05 33.26 26.98
C ASN A 412 -11.34 34.60 26.32
N ASP A 413 -10.50 35.03 25.38
CA ASP A 413 -10.69 36.33 24.76
C ASP A 413 -11.82 36.32 23.73
N THR A 414 -11.67 35.50 22.68
CA THR A 414 -12.60 35.50 21.57
C THR A 414 -13.62 34.39 21.72
N ARG A 415 -14.82 34.63 21.18
CA ARG A 415 -15.89 33.66 21.28
C ARG A 415 -15.71 32.55 20.24
N ILE A 416 -16.53 31.52 20.37
CA ILE A 416 -16.36 30.32 19.56
C ILE A 416 -16.69 30.60 18.09
N ASP A 417 -17.66 31.48 17.85
CA ASP A 417 -18.09 31.77 16.49
C ASP A 417 -16.92 32.14 15.58
N CYS A 418 -15.85 32.68 16.15
CA CYS A 418 -14.69 33.08 15.38
C CYS A 418 -13.52 32.12 15.53
N LEU A 419 -13.41 31.44 16.68
CA LEU A 419 -12.32 30.50 16.89
C LEU A 419 -12.34 29.39 15.84
N ASP A 420 -13.54 28.93 15.47
CA ASP A 420 -13.64 27.92 14.43
C ASP A 420 -13.23 28.49 13.09
N ALA A 421 -13.78 29.65 12.73
CA ALA A 421 -13.55 30.23 11.42
C ALA A 421 -12.08 30.52 11.16
N VAL A 422 -11.26 30.63 12.20
CA VAL A 422 -9.84 30.86 12.00
C VAL A 422 -9.13 29.52 12.10
N ALA A 423 -9.71 28.59 12.86
CA ALA A 423 -9.14 27.25 12.94
C ALA A 423 -9.15 26.57 11.58
N ASN A 424 -10.34 26.34 11.03
CA ASN A 424 -10.43 25.70 9.73
C ASN A 424 -9.72 26.48 8.64
N LEU A 425 -9.47 27.77 8.87
CA LEU A 425 -8.65 28.54 7.94
C LEU A 425 -7.26 27.96 7.81
N THR A 426 -6.79 27.27 8.86
CA THR A 426 -5.48 26.64 8.85
C THR A 426 -5.52 25.26 8.26
N GLY A 427 -6.48 24.96 7.39
CA GLY A 427 -6.60 23.66 6.80
C GLY A 427 -7.73 22.87 7.40
N PRO A 428 -8.62 22.34 6.56
CA PRO A 428 -9.79 21.64 7.07
C PRO A 428 -9.40 20.34 7.77
N VAL A 429 -10.36 19.81 8.53
CA VAL A 429 -10.08 18.63 9.34
C VAL A 429 -9.87 17.41 8.46
N TYR A 430 -10.81 17.16 7.54
CA TYR A 430 -10.80 15.93 6.74
C TYR A 430 -9.59 15.83 5.84
N VAL A 431 -8.72 16.84 5.84
CA VAL A 431 -7.45 16.76 5.15
C VAL A 431 -6.31 16.46 6.11
N LEU A 432 -6.30 17.13 7.27
CA LEU A 432 -5.25 16.90 8.25
C LEU A 432 -5.21 15.44 8.69
N ILE A 433 -6.32 14.93 9.22
CA ILE A 433 -6.35 13.56 9.73
C ILE A 433 -6.33 12.58 8.57
N LEU A 434 -6.36 13.10 7.35
CA LEU A 434 -6.16 12.24 6.19
C LEU A 434 -4.72 12.18 5.75
N ASP A 435 -3.92 13.20 6.07
CA ASP A 435 -2.49 13.10 5.83
C ASP A 435 -1.89 11.93 6.60
N LEU A 436 -2.40 11.69 7.81
CA LEU A 436 -1.90 10.58 8.62
C LEU A 436 -2.14 9.25 7.92
N VAL A 437 -3.35 9.05 7.40
CA VAL A 437 -3.66 7.81 6.70
C VAL A 437 -2.68 7.59 5.56
N ARG A 438 -2.65 8.53 4.62
CA ARG A 438 -1.74 8.43 3.49
C ARG A 438 -0.29 8.54 3.91
N THR A 439 -0.01 8.75 5.19
CA THR A 439 1.31 8.55 5.76
C THR A 439 1.45 7.15 6.31
N LEU A 440 0.52 6.75 7.18
CA LEU A 440 0.55 5.41 7.75
C LEU A 440 0.49 4.35 6.66
N SER A 441 -0.60 4.35 5.88
CA SER A 441 -0.72 3.37 4.81
C SER A 441 0.48 3.39 3.89
N ALA A 442 1.05 4.56 3.66
CA ALA A 442 2.26 4.64 2.86
C ALA A 442 3.39 3.89 3.52
N GLN A 443 3.48 3.96 4.84
CA GLN A 443 4.57 3.27 5.55
C GLN A 443 4.42 1.77 5.43
N ARG A 444 3.22 1.25 5.70
CA ARG A 444 3.01 -0.18 5.56
C ARG A 444 3.25 -0.64 4.13
N SER A 445 2.83 0.16 3.16
CA SER A 445 2.97 -0.22 1.76
C SER A 445 4.43 -0.40 1.38
N CYS A 446 5.34 0.36 1.99
CA CYS A 446 6.75 0.18 1.71
C CYS A 446 7.41 -0.80 2.67
N SER A 447 6.83 -1.02 3.85
CA SER A 447 7.36 -2.03 4.75
C SER A 447 7.29 -3.40 4.11
N THR A 448 6.09 -3.82 3.70
CA THR A 448 5.91 -5.12 3.08
C THR A 448 6.81 -5.31 1.87
N LYS A 449 7.27 -4.23 1.25
CA LYS A 449 8.27 -4.36 0.20
C LYS A 449 9.62 -4.75 0.79
N PHE A 450 10.03 -4.08 1.86
CA PHE A 450 11.32 -4.38 2.46
C PHE A 450 11.34 -5.77 3.05
N LEU A 451 10.31 -6.14 3.81
CA LEU A 451 10.25 -7.49 4.34
C LEU A 451 10.28 -8.51 3.23
N ARG A 452 9.76 -8.16 2.06
CA ARG A 452 9.84 -9.04 0.89
C ARG A 452 11.17 -8.88 0.16
N GLU A 453 11.73 -7.68 0.16
CA GLU A 453 13.01 -7.48 -0.50
C GLU A 453 14.08 -8.36 0.11
N ILE A 454 14.19 -8.36 1.44
CA ILE A 454 15.18 -9.20 2.09
C ILE A 454 14.80 -10.67 1.96
N LYS A 455 13.52 -10.95 1.77
CA LYS A 455 13.08 -12.34 1.63
C LYS A 455 13.71 -12.99 0.40
N GLU A 456 13.38 -12.47 -0.79
CA GLU A 456 13.94 -13.05 -2.00
C GLU A 456 15.44 -12.84 -2.08
N ASN A 457 15.96 -11.84 -1.37
CA ASN A 457 17.40 -11.73 -1.19
C ASN A 457 17.97 -13.00 -0.59
N TYR A 458 17.27 -13.56 0.40
CA TYR A 458 17.69 -14.81 1.00
C TYR A 458 17.32 -16.00 0.13
N LEU A 459 16.19 -15.92 -0.57
CA LEU A 459 15.81 -16.99 -1.48
C LEU A 459 16.87 -17.18 -2.55
N LEU A 460 17.46 -16.09 -3.03
CA LEU A 460 18.52 -16.21 -4.02
C LEU A 460 19.78 -16.81 -3.40
N TRP A 461 20.02 -16.54 -2.13
CA TRP A 461 21.19 -17.11 -1.47
C TRP A 461 20.95 -18.56 -1.04
N ASN A 462 19.77 -18.84 -0.50
CA ASN A 462 19.45 -20.20 -0.10
C ASN A 462 19.59 -21.18 -1.27
N ARG A 463 19.41 -20.70 -2.50
CA ARG A 463 19.63 -21.55 -3.65
C ARG A 463 21.08 -21.98 -3.75
N PHE A 464 22.01 -21.13 -3.31
CA PHE A 464 23.42 -21.47 -3.41
C PHE A 464 23.84 -22.46 -2.34
N VAL A 465 23.39 -22.25 -1.10
CA VAL A 465 23.77 -23.16 -0.02
C VAL A 465 23.17 -24.53 -0.23
N SER A 466 22.13 -24.65 -1.05
CA SER A 466 21.53 -25.94 -1.32
C SER A 466 22.34 -26.71 -2.36
N MET B 1 -17.34 43.92 -15.01
CA MET B 1 -17.95 44.60 -13.87
C MET B 1 -16.88 45.11 -12.90
N SER B 2 -16.88 46.42 -12.68
CA SER B 2 -15.85 47.06 -11.87
C SER B 2 -16.16 46.87 -10.39
N ALA B 3 -15.35 47.48 -9.52
CA ALA B 3 -15.47 47.26 -8.09
C ALA B 3 -16.80 47.74 -7.54
N SER B 4 -17.53 48.56 -8.29
CA SER B 4 -18.83 49.01 -7.82
C SER B 4 -19.83 47.87 -7.80
N LEU B 5 -20.08 47.25 -8.96
CA LEU B 5 -21.04 46.17 -9.03
C LEU B 5 -20.63 44.99 -8.16
N ILE B 6 -19.34 44.86 -7.84
CA ILE B 6 -18.90 43.82 -6.92
C ILE B 6 -19.63 43.94 -5.60
N LEU B 7 -19.79 45.17 -5.11
CA LEU B 7 -20.38 45.37 -3.80
C LEU B 7 -21.89 45.47 -3.88
N ASP B 8 -22.41 46.12 -4.92
CA ASP B 8 -23.86 46.28 -5.04
C ASP B 8 -24.55 44.94 -5.10
N GLU B 9 -24.01 44.01 -5.89
CA GLU B 9 -24.61 42.68 -5.98
C GLU B 9 -24.61 42.00 -4.62
N TYR B 10 -23.57 42.22 -3.82
CA TYR B 10 -23.58 41.70 -2.46
C TYR B 10 -24.68 42.37 -1.65
N LEU B 11 -24.67 43.70 -1.59
CA LEU B 11 -25.62 44.41 -0.77
C LEU B 11 -27.06 44.05 -1.14
N LYS B 12 -27.33 43.91 -2.43
CA LYS B 12 -28.67 43.51 -2.85
C LYS B 12 -28.98 42.11 -2.38
N LYS B 13 -28.15 41.14 -2.75
CA LYS B 13 -28.40 39.75 -2.38
C LYS B 13 -28.49 39.59 -0.88
N THR B 14 -27.57 40.20 -0.13
CA THR B 14 -27.63 40.05 1.32
C THR B 14 -28.81 40.79 1.90
N ALA B 15 -29.43 41.70 1.15
CA ALA B 15 -30.66 42.34 1.58
C ALA B 15 -31.88 41.54 1.15
N SER B 16 -31.88 41.03 -0.08
CA SER B 16 -32.95 40.14 -0.50
C SER B 16 -33.10 38.98 0.46
N ALA B 17 -31.98 38.47 0.96
CA ALA B 17 -32.03 37.39 1.94
C ALA B 17 -32.74 37.83 3.21
N VAL B 18 -32.21 38.86 3.87
CA VAL B 18 -32.74 39.25 5.18
C VAL B 18 -34.21 39.65 5.07
N LEU B 19 -34.63 40.12 3.91
CA LEU B 19 -36.05 40.46 3.75
C LEU B 19 -36.89 39.20 3.57
N ASP B 20 -36.33 38.19 2.91
CA ASP B 20 -37.10 36.97 2.64
C ASP B 20 -37.52 36.30 3.93
N VAL B 21 -36.63 36.27 4.93
CA VAL B 21 -36.95 35.61 6.19
C VAL B 21 -38.12 36.32 6.86
N ALA B 22 -38.05 37.65 6.93
CA ALA B 22 -39.14 38.41 7.54
C ALA B 22 -40.43 38.22 6.77
N ASP B 23 -40.35 38.29 5.44
CA ASP B 23 -41.54 38.07 4.61
C ASP B 23 -42.14 36.70 4.89
N SER B 24 -41.30 35.71 5.16
CA SER B 24 -41.79 34.37 5.46
C SER B 24 -42.06 34.15 6.94
N PHE B 25 -41.84 35.14 7.79
CA PHE B 25 -42.13 35.02 9.21
C PHE B 25 -43.54 35.48 9.56
N GLU B 26 -44.46 35.43 8.60
CA GLU B 26 -45.87 35.64 8.91
C GLU B 26 -46.36 34.67 9.97
N LYS B 27 -45.78 33.47 10.03
CA LYS B 27 -46.23 32.43 10.94
C LYS B 27 -45.72 32.70 12.36
N ILE B 28 -46.45 32.14 13.33
CA ILE B 28 -46.12 32.30 14.75
C ILE B 28 -46.47 31.00 15.47
N LYS B 29 -45.54 30.51 16.27
CA LYS B 29 -45.72 29.26 17.01
C LYS B 29 -44.70 29.23 18.16
N GLY B 30 -44.56 28.07 18.78
CA GLY B 30 -43.63 27.92 19.88
C GLY B 30 -42.39 27.12 19.56
N GLU B 31 -41.22 27.74 19.72
CA GLU B 31 -39.94 27.08 19.48
C GLU B 31 -38.85 27.87 20.20
N ILE B 32 -37.78 27.18 20.57
CA ILE B 32 -36.71 27.77 21.37
C ILE B 32 -35.53 28.21 20.51
N GLN B 33 -35.14 27.41 19.53
CA GLN B 33 -34.03 27.80 18.65
C GLN B 33 -34.55 28.83 17.67
N SER B 34 -34.44 30.08 18.07
CA SER B 34 -34.77 31.20 17.22
C SER B 34 -33.51 31.98 16.90
N PRO B 35 -32.68 31.50 15.98
CA PRO B 35 -31.51 32.27 15.55
C PRO B 35 -31.89 33.35 14.57
N GLU B 36 -32.81 34.21 14.97
CA GLU B 36 -33.31 35.25 14.10
C GLU B 36 -32.37 36.45 14.11
N GLU B 37 -32.24 37.08 12.95
CA GLU B 37 -31.27 38.13 12.74
C GLU B 37 -31.97 39.44 12.42
N ALA B 38 -31.68 40.46 13.23
CA ALA B 38 -32.34 41.76 13.17
C ALA B 38 -33.86 41.61 13.25
N LYS B 80 -6.08 42.46 15.41
CA LYS B 80 -6.43 41.07 15.10
C LYS B 80 -6.30 40.80 13.61
N MET B 81 -6.77 41.75 12.81
CA MET B 81 -6.77 41.58 11.35
C MET B 81 -5.40 41.23 10.80
N SER B 82 -4.33 41.54 11.53
CA SER B 82 -2.99 41.16 11.11
C SER B 82 -2.62 39.77 11.58
N VAL B 83 -2.74 39.51 12.89
CA VAL B 83 -2.39 38.19 13.40
C VAL B 83 -3.34 37.13 12.87
N ALA B 84 -4.59 37.49 12.60
CA ALA B 84 -5.49 36.55 11.93
C ALA B 84 -5.08 36.31 10.49
N ARG B 85 -4.38 37.26 9.88
CA ARG B 85 -3.99 37.09 8.48
C ARG B 85 -2.84 36.10 8.36
N VAL B 86 -1.86 36.17 9.25
CA VAL B 86 -0.72 35.28 9.16
C VAL B 86 -1.13 33.83 9.27
N GLY B 87 -2.29 33.55 9.87
CA GLY B 87 -2.83 32.21 9.81
C GLY B 87 -3.11 31.76 8.40
N GLN B 88 -3.39 32.70 7.51
CA GLN B 88 -3.67 32.39 6.11
C GLN B 88 -2.39 32.32 5.27
N GLU B 89 -1.54 33.33 5.36
CA GLU B 89 -0.30 33.35 4.60
C GLU B 89 0.48 32.06 4.77
N ASN B 90 0.56 31.56 6.00
CA ASN B 90 1.24 30.30 6.24
C ASN B 90 0.46 29.14 5.64
N ASN B 91 -0.86 29.17 5.75
CA ASN B 91 -1.66 28.04 5.28
C ASN B 91 -1.70 27.97 3.77
N ARG B 92 -1.88 29.12 3.11
CA ARG B 92 -2.01 29.11 1.65
C ARG B 92 -0.80 28.45 1.00
N LYS B 93 0.40 28.84 1.43
CA LYS B 93 1.59 28.18 0.92
C LYS B 93 1.72 26.76 1.43
N ARG B 94 1.20 26.49 2.64
CA ARG B 94 1.21 25.13 3.15
C ARG B 94 0.33 24.23 2.31
N ALA B 95 -0.89 24.66 2.03
CA ALA B 95 -1.77 23.87 1.20
C ALA B 95 -1.35 23.87 -0.25
N ASP B 96 -0.62 24.89 -0.70
CA ASP B 96 -0.10 24.89 -2.06
C ASP B 96 0.91 23.77 -2.28
N GLN B 97 1.53 23.28 -1.21
CA GLN B 97 2.52 22.22 -1.35
C GLN B 97 1.91 20.84 -1.25
N ALA B 98 0.82 20.68 -0.49
CA ALA B 98 0.13 19.40 -0.44
C ALA B 98 -0.27 18.94 -1.82
N ALA B 99 -0.84 19.84 -2.62
CA ALA B 99 -1.10 19.53 -4.01
C ALA B 99 0.21 19.36 -4.77
N ASP B 100 1.18 20.24 -4.51
CA ASP B 100 2.48 20.10 -5.16
C ASP B 100 3.10 18.75 -4.89
N GLU B 101 2.87 18.18 -3.70
CA GLU B 101 3.33 16.83 -3.43
C GLU B 101 2.42 15.78 -4.03
N ILE B 102 1.46 16.18 -4.87
CA ILE B 102 0.76 15.25 -5.72
C ILE B 102 1.25 15.35 -7.17
N ARG B 103 1.69 16.52 -7.61
CA ARG B 103 2.51 16.63 -8.80
C ARG B 103 3.55 15.51 -8.80
N THR B 104 4.29 15.40 -7.71
CA THR B 104 5.40 14.44 -7.65
C THR B 104 4.90 13.00 -7.66
N ILE B 105 4.06 12.64 -6.69
CA ILE B 105 3.71 11.24 -6.50
C ILE B 105 3.00 10.68 -7.73
N MET B 106 2.19 11.50 -8.39
CA MET B 106 1.53 11.06 -9.60
C MET B 106 2.53 10.60 -10.64
N GLU B 107 3.51 11.44 -10.96
CA GLU B 107 4.61 11.03 -11.83
C GLU B 107 5.34 9.84 -11.25
N ASP B 108 5.56 9.84 -9.93
CA ASP B 108 6.30 8.76 -9.31
C ASP B 108 5.54 7.45 -9.38
N ILE B 109 4.22 7.50 -9.21
CA ILE B 109 3.45 6.26 -9.15
C ILE B 109 3.21 5.70 -10.54
N THR B 110 3.16 6.55 -11.55
CA THR B 110 3.01 6.08 -12.92
C THR B 110 4.35 5.85 -13.60
N GLY B 111 5.40 5.58 -12.82
CA GLY B 111 6.62 5.08 -13.41
C GLY B 111 6.49 3.65 -13.89
N SER B 112 5.47 2.94 -13.43
CA SER B 112 5.21 1.59 -13.92
C SER B 112 5.03 1.60 -15.44
N LEU B 113 4.03 2.33 -15.92
CA LEU B 113 4.03 2.70 -17.32
C LEU B 113 5.26 3.56 -17.60
N SER B 114 5.89 3.30 -18.74
CA SER B 114 7.28 3.70 -18.97
C SER B 114 7.51 5.17 -18.64
N GLY B 115 8.73 5.47 -18.22
CA GLY B 115 9.10 6.83 -17.88
C GLY B 115 10.56 6.89 -17.46
N ALA B 116 11.07 8.12 -17.40
CA ALA B 116 12.45 8.41 -16.98
C ALA B 116 13.47 7.66 -17.82
N PRO B 122 18.48 -3.67 -8.18
CA PRO B 122 17.49 -4.10 -9.16
C PRO B 122 17.02 -5.53 -8.92
N LEU B 123 17.05 -5.97 -7.67
CA LEU B 123 16.75 -7.36 -7.34
C LEU B 123 15.34 -7.75 -7.78
N GLU B 124 14.41 -6.80 -7.80
CA GLU B 124 13.04 -7.12 -8.18
C GLU B 124 12.94 -7.50 -9.65
N GLU B 125 13.86 -7.00 -10.48
CA GLU B 125 13.71 -7.15 -11.93
C GLU B 125 13.90 -8.59 -12.37
N GLU B 126 15.08 -9.16 -12.12
CA GLU B 126 15.41 -10.47 -12.69
C GLU B 126 14.50 -11.59 -12.19
N ASN B 127 13.75 -11.39 -11.11
CA ASN B 127 12.79 -12.38 -10.66
C ASN B 127 11.38 -12.10 -11.17
N LYS B 128 11.25 -11.31 -12.22
CA LYS B 128 9.96 -10.98 -12.81
C LYS B 128 9.93 -11.52 -14.23
N VAL B 129 8.78 -12.07 -14.64
CA VAL B 129 8.62 -12.52 -16.02
C VAL B 129 8.83 -11.34 -16.96
N HIS B 130 9.20 -11.62 -18.20
CA HIS B 130 9.49 -10.56 -19.15
C HIS B 130 8.64 -10.61 -20.40
N ILE B 131 7.96 -11.73 -20.67
CA ILE B 131 7.15 -11.80 -21.88
C ILE B 131 6.06 -10.75 -21.80
N GLY B 132 5.69 -10.19 -22.95
CA GLY B 132 4.76 -9.08 -22.96
C GLY B 132 3.84 -9.04 -24.17
N ILE B 133 2.55 -8.84 -23.93
CA ILE B 133 1.56 -8.78 -25.00
C ILE B 133 1.79 -7.52 -25.82
N MET B 134 1.87 -7.67 -27.14
CA MET B 134 2.00 -6.54 -28.05
C MET B 134 0.66 -6.28 -28.74
N ASN B 135 0.63 -5.17 -29.49
CA ASN B 135 -0.62 -4.70 -30.08
C ASN B 135 -1.30 -5.80 -30.91
N ASN B 136 -0.51 -6.62 -31.60
CA ASN B 136 -1.06 -7.68 -32.42
C ASN B 136 -1.42 -8.93 -31.62
N LYS B 137 -1.58 -8.79 -30.31
CA LYS B 137 -2.02 -9.88 -29.43
C LYS B 137 -1.04 -11.05 -29.45
N THR B 138 0.18 -10.81 -29.88
CA THR B 138 1.24 -11.80 -29.88
C THR B 138 2.33 -11.36 -28.92
N PRO B 139 2.84 -12.26 -28.07
CA PRO B 139 3.84 -11.85 -27.07
C PRO B 139 5.05 -11.14 -27.66
N SER B 140 5.73 -10.37 -26.83
CA SER B 140 6.90 -9.60 -27.26
C SER B 140 7.88 -9.58 -26.09
N ILE B 141 9.09 -10.10 -26.32
CA ILE B 141 10.01 -10.40 -25.25
C ILE B 141 11.32 -9.66 -25.51
N VAL B 142 12.01 -9.30 -24.42
CA VAL B 142 13.34 -8.73 -24.56
C VAL B 142 14.29 -9.82 -25.05
N CYS B 143 15.27 -9.41 -25.85
CA CYS B 143 16.22 -10.38 -26.37
C CYS B 143 17.18 -10.83 -25.27
N GLY B 144 17.86 -11.94 -25.54
CA GLY B 144 18.97 -12.39 -24.72
C GLY B 144 18.67 -12.65 -23.25
N TYR B 145 17.40 -12.85 -22.90
CA TYR B 145 17.04 -13.17 -21.52
C TYR B 145 16.64 -14.63 -21.35
N TYR B 146 16.35 -15.35 -22.43
CA TYR B 146 16.02 -16.76 -22.34
C TYR B 146 16.74 -17.52 -23.45
N THR B 147 16.58 -18.84 -23.42
CA THR B 147 17.05 -19.71 -24.49
C THR B 147 16.28 -21.02 -24.43
N MET B 148 16.18 -21.68 -25.58
CA MET B 148 15.32 -22.84 -25.73
C MET B 148 16.04 -23.91 -26.54
N ASP B 149 16.07 -25.14 -26.03
CA ASP B 149 16.70 -26.24 -26.73
C ASP B 149 15.85 -26.62 -27.93
N THR B 150 16.37 -26.39 -29.14
CA THR B 150 15.68 -26.72 -30.38
C THR B 150 16.26 -27.96 -31.05
N SER B 151 17.10 -28.71 -30.34
CA SER B 151 17.71 -29.89 -30.94
C SER B 151 16.68 -30.99 -31.19
N ILE B 152 15.58 -30.99 -30.45
CA ILE B 152 14.51 -31.96 -30.64
C ILE B 152 13.34 -31.27 -31.33
N SER B 153 12.77 -31.92 -32.33
CA SER B 153 11.66 -31.37 -33.10
C SER B 153 10.42 -31.39 -32.23
N SER B 154 10.15 -30.26 -31.58
CA SER B 154 9.00 -30.16 -30.69
C SER B 154 7.74 -29.88 -31.50
N GLU B 155 6.64 -30.51 -31.10
CA GLU B 155 5.37 -30.30 -31.76
C GLU B 155 4.43 -29.48 -30.89
N PRO B 156 3.67 -28.56 -31.48
CA PRO B 156 2.72 -27.77 -30.68
C PRO B 156 1.53 -28.59 -30.23
N LEU B 157 1.46 -28.87 -28.93
CA LEU B 157 0.35 -29.63 -28.39
C LEU B 157 -0.96 -28.88 -28.59
N SER B 158 -1.84 -29.40 -29.43
CA SER B 158 -3.10 -28.75 -29.74
C SER B 158 -4.18 -29.20 -28.75
N LEU B 159 -5.44 -28.89 -29.05
CA LEU B 159 -6.54 -29.21 -28.15
C LEU B 159 -6.61 -30.70 -27.84
N THR B 160 -6.42 -31.54 -28.86
CA THR B 160 -6.50 -32.98 -28.66
C THR B 160 -5.52 -33.43 -27.57
N ASP B 161 -4.34 -32.81 -27.53
CA ASP B 161 -3.38 -33.14 -26.48
C ASP B 161 -3.96 -32.85 -25.10
N PHE B 162 -4.90 -31.92 -25.01
CA PHE B 162 -5.53 -31.59 -23.75
C PHE B 162 -6.82 -32.36 -23.52
N GLN B 163 -7.67 -32.49 -24.54
CA GLN B 163 -8.97 -33.12 -24.40
C GLN B 163 -8.92 -34.63 -24.45
N ASN B 164 -7.74 -35.23 -24.54
CA ASN B 164 -7.61 -36.68 -24.55
C ASN B 164 -8.15 -37.27 -23.26
N PRO B 165 -9.06 -38.23 -23.32
CA PRO B 165 -9.62 -38.79 -22.07
C PRO B 165 -8.58 -39.40 -21.14
N THR B 166 -7.39 -39.73 -21.62
CA THR B 166 -6.36 -40.26 -20.73
C THR B 166 -5.70 -39.15 -19.94
N VAL B 167 -5.22 -38.11 -20.63
CA VAL B 167 -4.53 -37.03 -19.95
C VAL B 167 -5.42 -36.24 -19.01
N ILE B 168 -6.72 -36.51 -19.01
CA ILE B 168 -7.59 -35.97 -17.96
C ILE B 168 -7.86 -37.01 -16.89
N ALA B 169 -7.81 -38.31 -17.22
CA ALA B 169 -8.03 -39.34 -16.22
C ALA B 169 -6.81 -39.51 -15.32
N ASN B 170 -5.61 -39.38 -15.89
CA ASN B 170 -4.40 -39.51 -15.09
C ASN B 170 -4.29 -38.39 -14.07
N VAL B 171 -4.49 -37.14 -14.50
CA VAL B 171 -4.45 -36.02 -13.57
C VAL B 171 -5.61 -36.07 -12.61
N THR B 172 -6.71 -36.72 -13.02
CA THR B 172 -7.87 -36.82 -12.14
C THR B 172 -7.49 -37.39 -10.79
N LYS B 173 -6.81 -38.53 -10.76
CA LYS B 173 -6.34 -39.07 -9.49
C LYS B 173 -5.24 -38.20 -8.91
N ARG B 174 -4.43 -37.58 -9.76
CA ARG B 174 -3.40 -36.68 -9.27
C ARG B 174 -4.00 -35.53 -8.47
N MET B 175 -5.25 -35.17 -8.76
CA MET B 175 -5.89 -34.08 -8.03
C MET B 175 -6.00 -34.42 -6.55
N GLU B 176 -6.73 -35.48 -6.21
CA GLU B 176 -6.87 -35.84 -4.81
C GLU B 176 -5.54 -36.21 -4.19
N SER B 177 -4.59 -36.67 -5.01
CA SER B 177 -3.25 -36.94 -4.50
C SER B 177 -2.65 -35.74 -3.78
N ILE B 178 -3.22 -34.55 -3.98
CA ILE B 178 -2.86 -33.36 -3.24
C ILE B 178 -3.86 -33.18 -2.11
N PHE B 179 -5.15 -33.05 -2.47
CA PHE B 179 -6.15 -32.64 -1.50
C PHE B 179 -6.59 -33.78 -0.59
N SER B 180 -6.71 -35.00 -1.12
CA SER B 180 -7.34 -36.09 -0.38
C SER B 180 -6.68 -36.34 0.97
N LYS B 181 -5.51 -35.77 1.21
CA LYS B 181 -4.85 -35.99 2.49
C LYS B 181 -5.60 -35.30 3.63
N VAL B 182 -6.09 -34.09 3.40
CA VAL B 182 -6.67 -33.32 4.49
C VAL B 182 -8.01 -32.72 4.10
N ASP B 183 -8.33 -32.72 2.81
CA ASP B 183 -9.51 -32.01 2.34
C ASP B 183 -10.78 -32.60 2.97
N SER B 184 -11.87 -31.84 2.86
CA SER B 184 -13.16 -32.39 3.23
C SER B 184 -13.50 -33.52 2.28
N ALA B 185 -13.46 -34.76 2.78
CA ALA B 185 -13.62 -35.92 1.91
C ALA B 185 -14.97 -35.95 1.20
N ARG B 186 -15.94 -35.15 1.65
CA ARG B 186 -17.18 -35.01 0.91
C ARG B 186 -16.99 -34.23 -0.37
N SER B 187 -15.98 -33.35 -0.43
CA SER B 187 -15.69 -32.56 -1.61
C SER B 187 -14.78 -33.29 -2.58
N THR B 188 -14.63 -34.60 -2.43
CA THR B 188 -13.77 -35.36 -3.33
C THR B 188 -14.37 -35.58 -4.70
N ARG B 189 -15.44 -34.88 -5.06
CA ARG B 189 -16.01 -34.99 -6.40
C ARG B 189 -15.19 -34.16 -7.38
N PHE B 190 -13.88 -34.36 -7.40
CA PHE B 190 -13.01 -33.63 -8.30
C PHE B 190 -13.08 -34.13 -9.73
N ASP B 191 -14.00 -35.03 -10.04
CA ASP B 191 -14.16 -35.51 -11.40
C ASP B 191 -14.57 -34.37 -12.33
N ALA B 192 -15.72 -33.75 -12.07
CA ALA B 192 -16.21 -32.69 -12.94
C ALA B 192 -15.24 -31.52 -13.01
N PHE B 193 -14.49 -31.30 -11.93
CA PHE B 193 -13.46 -30.26 -11.93
C PHE B 193 -12.50 -30.44 -13.09
N VAL B 194 -12.04 -31.67 -13.32
CA VAL B 194 -11.22 -31.94 -14.49
C VAL B 194 -12.00 -31.63 -15.76
N ASN B 195 -13.25 -32.07 -15.82
CA ASN B 195 -14.10 -31.71 -16.94
C ASN B 195 -14.36 -30.22 -16.98
N GLY B 196 -14.31 -29.56 -15.82
CA GLY B 196 -14.54 -28.13 -15.75
C GLY B 196 -13.71 -27.34 -16.73
N VAL B 197 -12.38 -27.37 -16.56
CA VAL B 197 -11.52 -26.70 -17.53
C VAL B 197 -11.56 -27.42 -18.86
N ALA B 198 -11.89 -28.72 -18.87
CA ALA B 198 -11.99 -29.45 -20.11
C ALA B 198 -13.13 -28.91 -20.97
N ASN B 199 -14.31 -28.75 -20.39
CA ASN B 199 -15.44 -28.22 -21.15
C ASN B 199 -15.31 -26.74 -21.41
N ASN B 200 -14.44 -26.04 -20.68
CA ASN B 200 -14.25 -24.61 -20.84
C ASN B 200 -13.55 -24.37 -22.18
N MET B 201 -14.32 -23.98 -23.20
CA MET B 201 -13.79 -23.83 -24.55
C MET B 201 -12.75 -22.71 -24.63
N ASP B 202 -12.54 -22.01 -23.52
CA ASP B 202 -11.48 -21.02 -23.46
C ASP B 202 -10.11 -21.68 -23.43
N ILE B 203 -10.02 -22.87 -22.84
CA ILE B 203 -8.73 -23.56 -22.71
C ILE B 203 -8.04 -23.70 -24.05
N LYS B 204 -8.81 -23.72 -25.15
CA LYS B 204 -8.20 -23.69 -26.48
C LYS B 204 -7.34 -22.45 -26.65
N SER B 205 -7.91 -21.27 -26.39
CA SER B 205 -7.15 -20.03 -26.52
C SER B 205 -5.96 -20.01 -25.58
N SER B 206 -6.05 -20.69 -24.44
CA SER B 206 -4.94 -20.74 -23.50
C SER B 206 -3.73 -21.42 -24.13
N ILE B 207 -3.87 -22.69 -24.48
CA ILE B 207 -2.74 -23.44 -25.04
C ILE B 207 -2.32 -22.84 -26.37
N ASP B 208 -3.25 -22.27 -27.12
CA ASP B 208 -2.89 -21.58 -28.36
C ASP B 208 -1.88 -20.49 -28.08
N TRP B 209 -2.22 -19.55 -27.20
CA TRP B 209 -1.26 -18.52 -26.81
C TRP B 209 0.00 -19.15 -26.25
N ALA B 210 -0.13 -20.20 -25.43
CA ALA B 210 1.03 -20.90 -24.92
C ALA B 210 1.94 -21.33 -26.07
N ASN B 211 1.36 -21.90 -27.13
CA ASN B 211 2.13 -22.18 -28.33
C ASN B 211 2.73 -20.91 -28.90
N MET B 212 1.94 -19.83 -28.96
CA MET B 212 2.50 -18.55 -29.39
C MET B 212 3.63 -18.10 -28.47
N VAL B 213 3.46 -18.29 -27.16
CA VAL B 213 4.58 -18.04 -26.25
C VAL B 213 5.68 -19.05 -26.51
N GLU B 214 5.32 -20.24 -27.00
CA GLU B 214 6.32 -21.27 -27.22
C GLU B 214 7.19 -20.95 -28.43
N ASN B 215 6.57 -20.84 -29.61
CA ASN B 215 7.36 -20.77 -30.83
C ASN B 215 8.22 -19.53 -30.89
N VAL B 216 7.82 -18.45 -30.21
CA VAL B 216 8.50 -17.18 -30.37
C VAL B 216 9.95 -17.28 -29.90
N ILE B 217 10.19 -18.03 -28.82
CA ILE B 217 11.55 -18.12 -28.32
C ILE B 217 12.41 -18.98 -29.24
N LYS B 218 11.80 -19.94 -29.94
CA LYS B 218 12.57 -20.82 -30.81
C LYS B 218 13.30 -20.02 -31.88
N LEU B 219 12.57 -19.22 -32.63
CA LEU B 219 13.18 -18.45 -33.71
C LEU B 219 14.10 -17.36 -33.14
N PRO B 220 15.17 -17.03 -33.85
CA PRO B 220 16.11 -16.01 -33.36
C PRO B 220 15.63 -14.60 -33.64
N ASP B 221 16.49 -13.61 -33.37
CA ASP B 221 16.18 -12.20 -33.60
C ASP B 221 16.13 -11.82 -35.07
N SER B 222 16.44 -12.74 -36.00
CA SER B 222 16.44 -12.45 -37.43
C SER B 222 15.10 -12.78 -38.08
N THR B 223 14.00 -12.73 -37.35
CA THR B 223 12.68 -13.08 -37.81
C THR B 223 11.75 -11.87 -37.76
N PRO B 224 10.63 -11.89 -38.50
CA PRO B 224 9.71 -10.74 -38.49
C PRO B 224 9.08 -10.45 -37.13
N ASN B 225 9.38 -11.27 -36.12
CA ASN B 225 8.95 -11.04 -34.74
C ASN B 225 10.20 -10.84 -33.91
N PRO B 226 10.86 -9.68 -34.01
CA PRO B 226 12.12 -9.48 -33.29
C PRO B 226 11.90 -9.22 -31.82
N CYS B 227 12.91 -9.57 -31.03
CA CYS B 227 12.88 -9.32 -29.60
C CYS B 227 13.41 -7.93 -29.30
N SER B 228 12.75 -7.25 -28.37
CA SER B 228 13.14 -5.89 -28.02
C SER B 228 14.54 -5.87 -27.43
N VAL B 229 15.25 -4.77 -27.68
CA VAL B 229 16.65 -4.68 -27.29
C VAL B 229 16.82 -4.20 -25.85
N ASP B 230 15.97 -3.30 -25.39
CA ASP B 230 16.05 -2.84 -24.02
C ASP B 230 15.25 -3.74 -23.08
N THR B 231 15.73 -3.86 -21.85
CA THR B 231 15.17 -4.80 -20.88
C THR B 231 13.74 -4.44 -20.50
N ILE B 232 13.22 -3.34 -21.04
CA ILE B 232 11.90 -2.86 -20.70
C ILE B 232 10.96 -3.16 -21.86
N VAL B 233 9.67 -3.20 -21.56
CA VAL B 233 8.62 -3.24 -22.57
C VAL B 233 7.67 -2.10 -22.24
N SER B 234 6.99 -1.59 -23.27
CA SER B 234 6.16 -0.41 -23.11
C SER B 234 5.15 -0.33 -24.23
N ARG B 235 3.87 -0.22 -23.88
CA ARG B 235 2.80 -0.18 -24.87
C ARG B 235 2.07 1.15 -24.89
N ASP B 236 1.54 1.60 -23.76
CA ASP B 236 0.73 2.81 -23.71
C ASP B 236 1.42 3.93 -22.93
N ALA B 237 2.73 4.00 -23.02
CA ALA B 237 3.47 5.04 -22.31
C ALA B 237 3.15 6.44 -22.82
N SER B 238 2.69 6.57 -24.05
CA SER B 238 2.48 7.90 -24.61
C SER B 238 1.14 8.49 -24.18
N VAL B 239 0.07 7.71 -24.29
CA VAL B 239 -1.25 8.23 -23.97
C VAL B 239 -1.37 8.54 -22.48
N VAL B 240 -0.50 7.98 -21.65
CA VAL B 240 -0.51 8.30 -20.24
C VAL B 240 0.43 9.46 -19.92
N LYS B 241 1.54 9.58 -20.66
CA LYS B 241 2.45 10.67 -20.40
C LYS B 241 1.81 12.02 -20.70
N THR B 242 0.98 12.07 -21.74
CA THR B 242 0.19 13.27 -21.98
C THR B 242 -0.94 13.42 -20.98
N ALA B 243 -1.17 12.42 -20.14
CA ALA B 243 -2.21 12.53 -19.12
C ALA B 243 -1.67 13.04 -17.80
N VAL B 244 -0.42 12.73 -17.46
CA VAL B 244 0.12 13.18 -16.19
C VAL B 244 0.44 14.67 -16.24
N ASN B 245 1.04 15.12 -17.34
CA ASN B 245 1.26 16.56 -17.50
C ASN B 245 -0.05 17.31 -17.62
N ASP B 246 -1.14 16.62 -17.94
CA ASP B 246 -2.45 17.25 -17.92
C ASP B 246 -2.86 17.56 -16.49
N ILE B 247 -2.60 16.63 -15.56
CA ILE B 247 -2.93 16.84 -14.16
C ILE B 247 -2.12 17.99 -13.60
N TYR B 248 -0.81 17.98 -13.85
CA TYR B 248 0.06 19.08 -13.45
C TYR B 248 -0.55 20.43 -13.83
N ALA B 249 -0.77 20.62 -15.14
CA ALA B 249 -1.33 21.88 -15.62
C ALA B 249 -2.65 22.20 -14.94
N SER B 250 -3.42 21.19 -14.56
CA SER B 250 -4.68 21.44 -13.91
C SER B 250 -4.47 21.98 -12.50
N VAL B 251 -3.74 21.22 -11.67
CA VAL B 251 -3.50 21.68 -10.30
C VAL B 251 -2.53 22.83 -10.28
N GLY B 252 -1.79 23.04 -11.35
CA GLY B 252 -0.84 24.14 -11.40
C GLY B 252 -1.50 25.49 -11.51
N LYS B 253 -2.18 25.74 -12.63
CA LYS B 253 -2.66 27.09 -12.90
C LYS B 253 -4.05 27.33 -12.34
N SER B 254 -4.92 26.32 -12.39
CA SER B 254 -6.32 26.53 -12.05
C SER B 254 -6.47 27.06 -10.63
N TYR B 255 -5.60 26.65 -9.71
CA TYR B 255 -5.66 27.13 -8.35
C TYR B 255 -4.28 27.51 -7.84
N CYS B 256 -3.59 28.37 -8.58
CA CYS B 256 -2.42 29.00 -7.98
C CYS B 256 -2.89 29.71 -6.72
N ARG B 257 -3.66 30.78 -6.87
CA ARG B 257 -4.56 31.22 -5.81
C ARG B 257 -5.92 31.70 -6.31
N PRO B 258 -6.57 31.03 -7.27
CA PRO B 258 -8.02 31.23 -7.43
C PRO B 258 -8.83 30.33 -6.51
N ALA B 259 -9.04 30.76 -5.27
CA ALA B 259 -9.71 29.92 -4.29
C ALA B 259 -11.00 29.29 -4.81
N THR B 260 -11.71 29.98 -5.70
CA THR B 260 -12.91 29.44 -6.33
C THR B 260 -12.88 29.71 -7.84
N GLN B 261 -12.27 28.78 -8.58
CA GLN B 261 -12.35 28.80 -10.04
C GLN B 261 -12.13 27.37 -10.55
N LEU B 262 -13.23 26.67 -10.80
CA LEU B 262 -13.27 25.54 -11.72
C LEU B 262 -14.68 25.55 -12.29
N THR B 263 -14.85 26.27 -13.40
CA THR B 263 -16.19 26.63 -13.84
C THR B 263 -16.40 26.57 -15.35
N PHE B 264 -15.58 25.85 -16.09
CA PHE B 264 -15.77 25.68 -17.51
C PHE B 264 -16.01 24.21 -17.82
N MET B 265 -16.90 23.94 -18.77
CA MET B 265 -17.12 22.56 -19.20
C MET B 265 -15.87 21.96 -19.85
N SER B 266 -14.81 22.74 -20.01
CA SER B 266 -13.57 22.24 -20.58
C SER B 266 -12.60 21.80 -19.49
N GLU B 267 -12.31 22.68 -18.54
CA GLU B 267 -11.39 22.32 -17.46
C GLU B 267 -11.89 21.11 -16.68
N ILE B 268 -13.21 20.92 -16.61
CA ILE B 268 -13.75 19.69 -16.05
C ILE B 268 -13.34 18.50 -16.88
N GLU B 269 -13.69 18.53 -18.18
CA GLU B 269 -13.37 17.41 -19.05
C GLU B 269 -11.86 17.26 -19.23
N LYS B 270 -11.13 18.37 -19.26
CA LYS B 270 -9.68 18.29 -19.37
C LYS B 270 -9.05 17.60 -18.16
N LEU B 271 -9.82 17.35 -17.11
CA LEU B 271 -9.34 16.62 -15.94
C LEU B 271 -9.95 15.23 -15.83
N ARG B 272 -11.26 15.11 -16.03
CA ARG B 272 -11.88 13.79 -16.00
C ARG B 272 -11.18 12.84 -16.97
N LYS B 273 -10.83 13.33 -18.16
CA LYS B 273 -10.14 12.48 -19.11
C LYS B 273 -8.75 12.11 -18.62
N ALA B 274 -8.12 12.97 -17.83
CA ALA B 274 -6.81 12.63 -17.27
C ALA B 274 -6.93 11.49 -16.26
N ALA B 275 -7.93 11.56 -15.39
CA ALA B 275 -8.07 10.54 -14.36
C ALA B 275 -8.41 9.18 -14.96
N VAL B 276 -9.46 9.12 -15.78
CA VAL B 276 -9.93 7.84 -16.30
C VAL B 276 -8.84 7.14 -17.10
N VAL B 277 -7.96 7.91 -17.74
CA VAL B 277 -6.86 7.30 -18.48
C VAL B 277 -5.82 6.73 -17.53
N CYS B 278 -5.41 7.51 -16.54
CA CYS B 278 -4.38 7.04 -15.63
C CYS B 278 -4.87 5.89 -14.79
N PHE B 279 -6.15 5.91 -14.40
CA PHE B 279 -6.70 4.82 -13.61
C PHE B 279 -6.75 3.53 -14.42
N GLU B 280 -7.36 3.56 -15.59
CA GLU B 280 -7.48 2.36 -16.40
C GLU B 280 -6.12 1.83 -16.79
N ALA B 281 -5.24 2.71 -17.28
CA ALA B 281 -3.92 2.28 -17.74
C ALA B 281 -3.20 1.47 -16.68
N LEU B 282 -3.20 1.97 -15.44
CA LEU B 282 -2.63 1.19 -14.34
C LEU B 282 -3.36 -0.13 -14.18
N MET B 283 -4.68 -0.06 -14.05
CA MET B 283 -5.48 -1.29 -13.94
C MET B 283 -5.29 -2.18 -15.15
N SER B 284 -5.05 -1.60 -16.32
CA SER B 284 -4.78 -2.41 -17.50
C SER B 284 -3.53 -3.25 -17.31
N ASP B 285 -2.48 -2.63 -16.77
CA ASP B 285 -1.25 -3.39 -16.49
C ASP B 285 -1.53 -4.53 -15.54
N THR B 286 -2.18 -4.25 -14.42
CA THR B 286 -2.51 -5.30 -13.46
C THR B 286 -3.27 -6.44 -14.13
N ARG B 287 -4.12 -6.10 -15.10
CA ARG B 287 -4.82 -7.14 -15.84
C ARG B 287 -3.85 -7.91 -16.72
N GLU B 288 -3.21 -7.24 -17.66
CA GLU B 288 -2.35 -7.94 -18.61
C GLU B 288 -1.16 -8.57 -17.92
N ARG B 289 -0.57 -7.87 -16.95
CA ARG B 289 0.59 -8.43 -16.27
C ARG B 289 0.22 -9.68 -15.49
N ALA B 290 -1.00 -9.74 -14.97
CA ALA B 290 -1.42 -10.95 -14.28
C ALA B 290 -1.47 -12.13 -15.24
N PHE B 291 -2.12 -11.95 -16.38
CA PHE B 291 -2.24 -13.03 -17.35
C PHE B 291 -0.86 -13.45 -17.85
N VAL B 292 -0.05 -12.47 -18.26
CA VAL B 292 1.17 -12.79 -18.99
C VAL B 292 2.17 -13.52 -18.10
N GLU B 293 2.02 -13.39 -16.78
CA GLU B 293 2.86 -14.15 -15.88
C GLU B 293 2.21 -15.44 -15.44
N PHE B 294 0.88 -15.51 -15.50
CA PHE B 294 0.20 -16.74 -15.10
C PHE B 294 0.57 -17.89 -16.02
N LEU B 295 0.78 -17.61 -17.30
CA LEU B 295 1.08 -18.66 -18.26
C LEU B 295 2.53 -19.11 -18.18
N PHE B 296 3.46 -18.15 -18.26
CA PHE B 296 4.88 -18.50 -18.26
C PHE B 296 5.25 -19.34 -17.05
N TYR B 297 4.50 -19.21 -15.96
CA TYR B 297 4.77 -20.03 -14.79
C TYR B 297 4.13 -21.41 -14.93
N VAL B 298 2.85 -21.45 -15.32
CA VAL B 298 2.15 -22.74 -15.34
C VAL B 298 2.69 -23.64 -16.44
N SER B 299 3.11 -23.05 -17.56
CA SER B 299 3.55 -23.87 -18.69
C SER B 299 5.05 -24.12 -18.68
N PHE B 300 5.84 -23.05 -18.75
CA PHE B 300 7.28 -23.21 -18.87
C PHE B 300 7.88 -23.71 -17.57
N LYS B 301 9.02 -24.37 -17.68
CA LYS B 301 9.70 -24.94 -16.53
C LYS B 301 11.20 -24.83 -16.74
N GLU B 302 11.91 -24.40 -15.71
CA GLU B 302 13.36 -24.31 -15.75
C GLU B 302 13.97 -25.63 -16.18
N ASP B 303 15.04 -25.55 -16.96
CA ASP B 303 15.73 -26.75 -17.42
C ASP B 303 16.32 -27.49 -16.23
N ALA B 304 16.28 -28.82 -16.29
CA ALA B 304 16.82 -29.66 -15.23
C ALA B 304 18.12 -30.35 -15.61
N SER B 305 18.40 -30.52 -16.91
CA SER B 305 19.67 -31.13 -17.31
C SER B 305 20.85 -30.31 -16.81
N ASN B 306 20.72 -28.98 -16.80
CA ASN B 306 21.72 -28.11 -16.20
C ASN B 306 21.44 -27.94 -14.71
N THR B 307 21.38 -29.07 -14.02
CA THR B 307 21.04 -29.09 -12.60
C THR B 307 22.04 -28.35 -11.74
N ASN B 308 23.16 -27.89 -12.31
CA ASN B 308 24.15 -27.17 -11.54
C ASN B 308 23.56 -25.86 -11.03
N SER B 309 23.25 -25.82 -9.74
CA SER B 309 22.74 -24.62 -9.10
C SER B 309 23.82 -23.84 -8.38
N LYS B 310 25.09 -24.15 -8.65
CA LYS B 310 26.18 -23.41 -8.03
C LYS B 310 26.51 -22.15 -8.81
N LEU B 311 26.46 -22.22 -10.14
CA LEU B 311 26.74 -21.06 -10.97
C LEU B 311 25.48 -20.37 -11.48
N PHE B 312 24.32 -21.03 -11.38
CA PHE B 312 23.09 -20.38 -11.76
C PHE B 312 22.79 -19.19 -10.85
N VAL B 313 22.99 -19.38 -9.53
CA VAL B 313 22.92 -18.26 -8.63
C VAL B 313 24.05 -17.28 -8.92
N GLN B 314 25.20 -17.78 -9.37
CA GLN B 314 26.36 -16.95 -9.63
C GLN B 314 26.09 -15.91 -10.71
N ASN B 315 25.85 -16.37 -11.94
CA ASN B 315 25.67 -15.44 -13.04
C ASN B 315 24.42 -14.60 -12.84
N LYS B 316 23.42 -15.13 -12.13
CA LYS B 316 22.24 -14.34 -11.81
C LYS B 316 22.64 -13.09 -11.04
N LEU B 317 23.68 -13.19 -10.21
CA LEU B 317 24.18 -12.01 -9.53
C LEU B 317 24.87 -11.07 -10.51
N SER B 318 25.63 -11.62 -11.46
CA SER B 318 26.25 -10.78 -12.47
C SER B 318 25.19 -10.08 -13.31
N SER B 319 24.03 -10.70 -13.48
CA SER B 319 22.92 -10.03 -14.13
C SER B 319 22.57 -8.74 -13.40
N MET B 320 22.65 -8.75 -12.08
CA MET B 320 22.45 -7.51 -11.32
C MET B 320 23.63 -6.57 -11.51
N SER B 321 24.82 -7.11 -11.78
CA SER B 321 26.01 -6.27 -11.85
C SER B 321 25.98 -5.35 -13.06
N GLY B 322 25.87 -5.93 -14.25
CA GLY B 322 25.93 -5.14 -15.47
C GLY B 322 26.62 -5.88 -16.60
N ASN B 323 27.21 -7.02 -16.28
CA ASN B 323 27.76 -7.88 -17.30
C ASN B 323 26.63 -8.43 -18.17
N PRO B 324 26.95 -8.88 -19.39
CA PRO B 324 25.89 -9.41 -20.26
C PRO B 324 25.19 -10.60 -19.62
N ARG B 325 23.89 -10.67 -19.83
CA ARG B 325 23.10 -11.72 -19.20
C ARG B 325 23.48 -13.09 -19.75
N GLN B 326 23.34 -14.10 -18.91
CA GLN B 326 23.44 -15.47 -19.36
C GLN B 326 22.03 -15.98 -19.66
N PRO B 327 21.73 -16.38 -20.90
CA PRO B 327 20.36 -16.78 -21.23
C PRO B 327 19.97 -18.03 -20.46
N ILE B 328 18.93 -17.90 -19.66
CA ILE B 328 18.44 -19.04 -18.88
C ILE B 328 17.69 -19.98 -19.81
N LYS B 329 17.85 -21.27 -19.59
CA LYS B 329 17.25 -22.29 -20.45
C LYS B 329 15.96 -22.79 -19.81
N LEU B 330 14.90 -22.83 -20.61
CA LEU B 330 13.61 -23.33 -20.17
C LEU B 330 13.27 -24.59 -20.96
N VAL B 331 12.37 -25.38 -20.39
CA VAL B 331 11.82 -26.56 -21.06
C VAL B 331 10.32 -26.55 -20.88
N ARG B 332 9.60 -26.94 -21.92
CA ARG B 332 8.15 -26.97 -21.82
C ARG B 332 7.71 -28.13 -20.94
N ARG B 333 6.41 -28.24 -20.73
CA ARG B 333 5.84 -29.29 -19.91
C ARG B 333 4.71 -29.96 -20.66
N SER B 334 4.59 -31.28 -20.47
CA SER B 334 3.62 -32.05 -21.22
C SER B 334 2.21 -31.68 -20.82
N ALA B 335 1.26 -32.03 -21.70
CA ALA B 335 -0.14 -31.69 -21.48
C ALA B 335 -0.65 -32.16 -20.13
N GLU B 336 -0.04 -33.21 -19.58
CA GLU B 336 -0.48 -33.74 -18.30
C GLU B 336 -0.33 -32.70 -17.19
N GLU B 337 0.90 -32.28 -16.92
CA GLU B 337 1.14 -31.38 -15.80
C GLU B 337 0.66 -29.97 -16.08
N THR B 338 0.70 -29.53 -17.34
CA THR B 338 0.10 -28.23 -17.66
C THR B 338 -1.40 -28.25 -17.40
N LEU B 339 -2.03 -29.42 -17.52
CA LEU B 339 -3.41 -29.55 -17.07
C LEU B 339 -3.48 -29.57 -15.55
N PHE B 340 -2.49 -30.19 -14.91
CA PHE B 340 -2.43 -30.18 -13.45
C PHE B 340 -2.11 -28.79 -12.91
N GLY B 341 -1.61 -27.90 -13.76
CA GLY B 341 -1.39 -26.53 -13.33
C GLY B 341 -2.67 -25.74 -13.35
N LEU B 342 -3.33 -25.69 -14.51
CA LEU B 342 -4.57 -24.92 -14.62
C LEU B 342 -5.62 -25.39 -13.63
N CYS B 343 -5.60 -26.67 -13.27
CA CYS B 343 -6.60 -27.18 -12.35
C CYS B 343 -6.33 -26.69 -10.93
N PHE B 344 -5.13 -26.98 -10.41
CA PHE B 344 -4.83 -26.58 -9.04
C PHE B 344 -4.82 -25.07 -8.88
N MET B 345 -4.32 -24.35 -9.89
CA MET B 345 -4.29 -22.91 -9.80
C MET B 345 -5.69 -22.32 -9.69
N PHE B 346 -6.72 -23.06 -10.06
CA PHE B 346 -8.08 -22.57 -9.87
C PHE B 346 -8.55 -22.75 -8.44
N LYS B 347 -8.56 -23.99 -7.95
CA LYS B 347 -9.15 -24.27 -6.65
C LYS B 347 -8.44 -23.56 -5.50
N VAL B 348 -7.34 -22.85 -5.75
CA VAL B 348 -6.67 -22.10 -4.70
C VAL B 348 -6.97 -20.61 -4.78
N MET B 349 -6.97 -20.03 -5.98
CA MET B 349 -7.33 -18.64 -6.14
C MET B 349 -8.78 -18.42 -5.74
N PRO B 350 -9.17 -17.16 -5.49
CA PRO B 350 -10.57 -16.89 -5.23
C PRO B 350 -11.42 -17.28 -6.42
N PRO B 351 -12.69 -17.63 -6.19
CA PRO B 351 -13.51 -18.16 -7.29
C PRO B 351 -13.68 -17.20 -8.44
N GLU B 352 -13.60 -15.90 -8.19
CA GLU B 352 -13.76 -14.92 -9.27
C GLU B 352 -12.58 -14.91 -10.24
N PHE B 353 -11.55 -15.72 -10.01
CA PHE B 353 -10.38 -15.69 -10.87
C PHE B 353 -10.71 -16.23 -12.25
N MET B 354 -11.18 -17.48 -12.32
CA MET B 354 -11.45 -18.09 -13.62
C MET B 354 -12.50 -17.31 -14.40
N ASN B 355 -13.45 -16.69 -13.70
CA ASN B 355 -14.44 -15.88 -14.39
C ASN B 355 -13.82 -14.64 -15.01
N CYS B 356 -12.67 -14.18 -14.51
CA CYS B 356 -12.07 -12.94 -15.00
C CYS B 356 -10.74 -13.13 -15.70
N ILE B 357 -9.75 -13.73 -15.04
CA ILE B 357 -8.39 -13.68 -15.59
C ILE B 357 -8.27 -14.62 -16.78
N PHE B 358 -8.78 -15.85 -16.65
CA PHE B 358 -8.61 -16.83 -17.71
C PHE B 358 -9.31 -16.36 -18.98
N ASN B 359 -10.46 -15.70 -18.85
CA ASN B 359 -11.13 -15.14 -19.99
C ASN B 359 -10.27 -14.05 -20.63
N PHE B 360 -10.32 -13.97 -21.96
CA PHE B 360 -9.58 -12.97 -22.70
C PHE B 360 -10.05 -12.87 -24.14
N TYR B 373 -12.28 1.23 -15.15
CA TYR B 373 -12.79 1.11 -16.51
C TYR B 373 -12.95 -0.36 -16.91
N GLY B 374 -12.13 -1.23 -16.32
CA GLY B 374 -12.24 -2.65 -16.60
C GLY B 374 -13.56 -3.22 -16.12
N THR B 375 -13.97 -2.88 -14.90
CA THR B 375 -15.25 -3.26 -14.33
C THR B 375 -15.45 -4.77 -14.30
N CYS B 376 -14.38 -5.53 -14.49
CA CYS B 376 -14.44 -6.98 -14.39
C CYS B 376 -13.39 -7.57 -13.47
N LEU B 377 -12.19 -6.97 -13.43
CA LEU B 377 -11.15 -7.41 -12.52
C LEU B 377 -11.29 -6.77 -11.14
N THR B 378 -12.06 -5.68 -11.04
CA THR B 378 -12.20 -5.01 -9.76
C THR B 378 -12.82 -5.87 -8.67
N PRO B 379 -13.80 -6.75 -8.92
CA PRO B 379 -14.30 -7.58 -7.82
C PRO B 379 -13.26 -8.56 -7.32
N LEU B 380 -12.53 -9.19 -8.22
CA LEU B 380 -11.43 -10.06 -7.80
C LEU B 380 -10.38 -9.28 -7.04
N LEU B 381 -10.04 -8.09 -7.52
CA LEU B 381 -9.03 -7.26 -6.88
C LEU B 381 -9.44 -6.76 -5.51
N ARG B 382 -10.72 -6.90 -5.14
CA ARG B 382 -11.21 -6.27 -3.92
C ARG B 382 -10.62 -6.90 -2.68
N LYS B 383 -10.54 -8.23 -2.62
CA LYS B 383 -10.22 -8.88 -1.36
C LYS B 383 -8.76 -8.74 -0.98
N TYR B 384 -7.90 -8.36 -1.93
CA TYR B 384 -6.50 -8.16 -1.57
C TYR B 384 -6.27 -6.76 -0.99
N GLY B 385 -6.52 -5.73 -1.80
CA GLY B 385 -6.21 -4.37 -1.38
C GLY B 385 -7.22 -3.82 -0.40
N SER B 386 -6.83 -2.75 0.27
CA SER B 386 -7.70 -2.12 1.26
C SER B 386 -8.96 -1.58 0.60
N SER B 387 -8.82 -0.53 -0.21
CA SER B 387 -9.95 -0.03 -0.98
C SER B 387 -9.42 0.83 -2.13
N PHE B 388 -9.42 0.27 -3.32
CA PHE B 388 -9.17 1.05 -4.52
C PHE B 388 -10.45 1.56 -5.15
N GLU B 389 -11.58 1.41 -4.47
CA GLU B 389 -12.86 1.80 -5.03
C GLU B 389 -13.61 2.81 -4.19
N LYS B 390 -13.61 2.65 -2.86
CA LYS B 390 -14.32 3.58 -2.01
C LYS B 390 -13.72 4.98 -2.10
N SER B 391 -12.39 5.06 -2.06
CA SER B 391 -11.74 6.35 -2.26
C SER B 391 -12.00 6.89 -3.65
N TRP B 392 -12.17 6.02 -4.64
CA TRP B 392 -12.47 6.47 -5.99
C TRP B 392 -13.86 7.05 -6.09
N ALA B 393 -14.76 6.71 -5.18
CA ALA B 393 -16.11 7.26 -5.22
C ALA B 393 -16.09 8.77 -5.03
N HIS B 394 -15.37 9.24 -4.01
CA HIS B 394 -15.34 10.66 -3.70
C HIS B 394 -14.86 11.47 -4.91
N PHE B 395 -14.01 10.90 -5.75
CA PHE B 395 -13.61 11.59 -6.96
C PHE B 395 -14.79 11.70 -7.93
N GLU B 396 -15.42 10.57 -8.24
CA GLU B 396 -16.53 10.61 -9.18
C GLU B 396 -17.70 11.42 -8.67
N GLU B 397 -17.79 11.65 -7.36
CA GLU B 397 -18.90 12.41 -6.81
C GLU B 397 -18.69 13.90 -6.97
N ILE B 398 -17.50 14.40 -6.63
CA ILE B 398 -17.27 15.83 -6.71
C ILE B 398 -17.20 16.28 -8.17
N LEU B 399 -16.56 15.49 -9.03
CA LEU B 399 -16.63 15.78 -10.46
C LEU B 399 -18.06 15.76 -10.97
N SER B 400 -18.91 14.94 -10.38
CA SER B 400 -20.31 14.93 -10.80
C SER B 400 -21.03 16.19 -10.35
N GLU B 401 -21.04 16.44 -9.05
CA GLU B 401 -21.77 17.58 -8.51
C GLU B 401 -21.24 18.89 -9.06
N ARG B 402 -19.94 18.97 -9.36
CA ARG B 402 -19.42 20.17 -10.01
C ARG B 402 -19.86 20.23 -11.46
N ALA B 403 -19.89 19.09 -12.14
CA ALA B 403 -20.33 19.09 -13.54
C ALA B 403 -21.82 19.39 -13.65
N ASN B 404 -22.62 18.81 -12.77
CA ASN B 404 -24.06 19.06 -12.82
C ASN B 404 -24.35 20.55 -12.66
N ALA B 405 -23.64 21.22 -11.76
CA ALA B 405 -23.89 22.63 -11.54
C ALA B 405 -23.43 23.47 -12.73
N VAL B 406 -22.19 23.25 -13.19
CA VAL B 406 -21.62 24.12 -14.21
C VAL B 406 -22.38 24.01 -15.53
N LYS B 407 -23.19 22.96 -15.71
CA LYS B 407 -24.03 22.89 -16.89
C LYS B 407 -25.25 23.79 -16.77
N LYS B 408 -25.77 23.98 -15.55
CA LYS B 408 -27.00 24.74 -15.38
C LYS B 408 -26.76 26.24 -15.50
N PHE B 409 -25.93 26.79 -14.63
CA PHE B 409 -25.67 28.23 -14.64
C PHE B 409 -24.56 28.55 -15.63
N CYS B 418 -21.34 29.21 -6.10
CA CYS B 418 -21.20 27.84 -6.58
C CYS B 418 -22.46 27.03 -6.28
N LEU B 419 -23.00 27.23 -5.08
CA LEU B 419 -24.24 26.62 -4.57
C LEU B 419 -24.11 25.13 -4.32
N ASP B 420 -22.98 24.50 -4.67
CA ASP B 420 -22.81 23.07 -4.48
C ASP B 420 -21.66 22.71 -3.56
N ALA B 421 -20.46 23.23 -3.81
CA ALA B 421 -19.26 22.90 -3.02
C ALA B 421 -18.71 24.21 -2.46
N VAL B 422 -19.20 24.58 -1.28
CA VAL B 422 -18.86 25.86 -0.69
C VAL B 422 -17.71 25.67 0.30
N ALA B 423 -16.57 26.28 0.00
CA ALA B 423 -15.43 26.21 0.90
C ALA B 423 -14.42 27.28 0.52
N ASN B 424 -14.11 28.18 1.45
CA ASN B 424 -12.91 29.00 1.34
C ASN B 424 -12.02 28.61 2.52
N LEU B 425 -11.37 27.46 2.38
CA LEU B 425 -10.15 27.11 3.09
C LEU B 425 -9.07 26.75 2.09
N THR B 426 -9.36 25.81 1.20
CA THR B 426 -8.56 25.43 0.05
C THR B 426 -9.51 25.15 -1.10
N GLY B 427 -8.95 25.06 -2.30
CA GLY B 427 -9.76 24.92 -3.47
C GLY B 427 -10.32 23.52 -3.64
N PRO B 428 -11.28 23.35 -4.55
CA PRO B 428 -11.82 22.02 -4.83
C PRO B 428 -10.87 21.15 -5.62
N VAL B 429 -10.23 21.71 -6.64
CA VAL B 429 -9.30 20.93 -7.44
C VAL B 429 -8.11 20.48 -6.61
N TYR B 430 -7.86 21.12 -5.47
CA TYR B 430 -6.83 20.64 -4.58
C TYR B 430 -7.25 19.38 -3.85
N VAL B 431 -8.56 19.20 -3.63
CA VAL B 431 -9.00 18.03 -2.90
C VAL B 431 -9.33 16.86 -3.80
N LEU B 432 -9.58 17.10 -5.09
CA LEU B 432 -9.75 15.99 -6.01
C LEU B 432 -8.41 15.33 -6.33
N ILE B 433 -7.39 16.14 -6.64
CA ILE B 433 -6.07 15.60 -6.91
C ILE B 433 -5.50 14.95 -5.66
N LEU B 434 -5.94 15.39 -4.48
CA LEU B 434 -5.54 14.75 -3.24
C LEU B 434 -6.28 13.43 -3.04
N ASP B 435 -7.35 13.20 -3.78
CA ASP B 435 -8.04 11.92 -3.75
C ASP B 435 -7.52 10.97 -4.82
N LEU B 436 -7.26 11.49 -6.02
CA LEU B 436 -6.81 10.65 -7.12
C LEU B 436 -5.48 9.98 -6.78
N VAL B 437 -4.57 10.72 -6.15
CA VAL B 437 -3.28 10.14 -5.79
C VAL B 437 -3.46 8.99 -4.82
N ARG B 438 -4.45 9.07 -3.95
CA ARG B 438 -4.63 8.05 -2.93
C ARG B 438 -5.51 6.91 -3.38
N THR B 439 -6.24 7.06 -4.48
CA THR B 439 -6.94 5.92 -5.05
C THR B 439 -6.03 5.12 -5.98
N LEU B 440 -5.09 5.81 -6.63
CA LEU B 440 -4.09 5.09 -7.42
C LEU B 440 -3.07 4.41 -6.53
N SER B 441 -2.73 5.01 -5.40
CA SER B 441 -1.77 4.40 -4.49
C SER B 441 -2.30 3.06 -3.98
N ALA B 442 -3.59 3.00 -3.66
CA ALA B 442 -4.17 1.75 -3.18
C ALA B 442 -4.05 0.66 -4.24
N GLN B 443 -4.37 1.00 -5.49
CA GLN B 443 -4.38 -0.01 -6.54
C GLN B 443 -3.00 -0.62 -6.73
N ARG B 444 -1.99 0.21 -6.93
CA ARG B 444 -0.64 -0.31 -7.08
C ARG B 444 -0.21 -1.07 -5.84
N SER B 445 -0.57 -0.58 -4.66
CA SER B 445 -0.34 -1.36 -3.45
C SER B 445 -1.14 -2.65 -3.46
N CYS B 446 -2.36 -2.60 -4.02
CA CYS B 446 -3.15 -3.82 -4.12
C CYS B 446 -2.62 -4.73 -5.22
N SER B 447 -2.14 -4.14 -6.31
CA SER B 447 -1.66 -4.95 -7.43
C SER B 447 -0.47 -5.80 -7.01
N THR B 448 0.57 -5.16 -6.45
CA THR B 448 1.76 -5.89 -6.05
C THR B 448 1.47 -6.99 -5.04
N LYS B 449 0.31 -6.97 -4.41
CA LYS B 449 -0.03 -8.05 -3.50
C LYS B 449 -0.60 -9.25 -4.25
N PHE B 450 -1.37 -8.98 -5.31
CA PHE B 450 -1.88 -10.07 -6.14
C PHE B 450 -0.74 -10.85 -6.78
N LEU B 451 0.08 -10.15 -7.56
CA LEU B 451 1.20 -10.81 -8.23
C LEU B 451 2.08 -11.54 -7.22
N ARG B 452 2.16 -11.06 -5.98
CA ARG B 452 2.86 -11.80 -4.96
C ARG B 452 2.07 -13.02 -4.52
N GLU B 453 0.74 -12.95 -4.59
CA GLU B 453 -0.06 -14.08 -4.14
C GLU B 453 -0.06 -15.20 -5.16
N ILE B 454 -0.19 -14.87 -6.45
CA ILE B 454 -0.25 -15.91 -7.46
C ILE B 454 1.09 -16.61 -7.61
N LYS B 455 2.18 -15.84 -7.64
CA LYS B 455 3.50 -16.45 -7.69
C LYS B 455 3.73 -17.35 -6.48
N GLU B 456 3.15 -16.98 -5.33
CA GLU B 456 3.29 -17.81 -4.15
C GLU B 456 2.74 -19.22 -4.40
N ASN B 457 1.51 -19.30 -4.93
CA ASN B 457 0.96 -20.61 -5.26
C ASN B 457 1.81 -21.31 -6.30
N TYR B 458 2.43 -20.57 -7.22
CA TYR B 458 3.35 -21.19 -8.16
C TYR B 458 4.57 -21.75 -7.45
N LEU B 459 5.02 -21.08 -6.38
CA LEU B 459 6.06 -21.66 -5.55
C LEU B 459 5.58 -22.89 -4.79
N LEU B 460 4.28 -23.14 -4.74
CA LEU B 460 3.75 -24.33 -4.11
C LEU B 460 3.49 -25.44 -5.12
N TRP B 461 2.85 -25.11 -6.24
CA TRP B 461 2.64 -26.12 -7.28
C TRP B 461 3.96 -26.63 -7.84
N ASN B 462 5.00 -25.79 -7.85
CA ASN B 462 6.31 -26.24 -8.30
C ASN B 462 6.93 -27.20 -7.30
N ARG B 463 6.72 -26.96 -6.01
CA ARG B 463 7.32 -27.80 -4.99
C ARG B 463 6.84 -29.23 -5.07
N PHE B 464 5.58 -29.43 -5.47
CA PHE B 464 4.99 -30.77 -5.42
C PHE B 464 5.46 -31.63 -6.58
N VAL B 465 5.15 -31.22 -7.82
CA VAL B 465 5.49 -32.04 -8.97
C VAL B 465 6.99 -32.04 -9.24
N SER B 466 7.70 -31.03 -8.80
CA SER B 466 9.13 -30.96 -9.04
C SER B 466 9.85 -30.22 -7.92
#